data_1HQH
#
_entry.id   1HQH
#
_cell.length_a   88.000
_cell.length_b   88.000
_cell.length_c   112.400
_cell.angle_alpha   90.00
_cell.angle_beta   90.00
_cell.angle_gamma   120.00
#
_symmetry.space_group_name_H-M   'P 32'
#
loop_
_entity.id
_entity.type
_entity.pdbx_description
1 polymer 'ARGINASE 1'
2 non-polymer 'MANGANESE (II) ION'
3 non-polymer NOR-N-OMEGA-HYDROXY-L-ARGININE
4 water water
#
_entity_poly.entity_id   1
_entity_poly.type   'polypeptide(L)'
_entity_poly.pdbx_seq_one_letter_code
;MSSKPKPIEIIGAPFSKGQPRGGVEKGPAALRKAGLVEKLKETEYNVRDHGDLAFVDVPNDSPFQIVKNPRSVGKANEQL
AAVVAETQKNGTISVVLGGDHSMAIGSISGHARVHPDLCVIWVDAHTDINTPLTTSSGNLHGQPVAFLLKELKGKFPDVP
GFSWVTPCISAKDIVYIGLRDVDPGEHYIIKTLGIKYFSMTEVDKLGIGKVMEETFSYLLGRKKRPIHLSFDVDGLDPVF
TPATGTPVVGGLSYREGLYITEEIYKTGLLSGLDIMEVNPTLGKTPEEVTRTVNTAVALTLSCFGTKREGNHKPETDYLK
PPK
;
_entity_poly.pdbx_strand_id   A,B,C
#
loop_
_chem_comp.id
_chem_comp.type
_chem_comp.name
_chem_comp.formula
MN non-polymer 'MANGANESE (II) ION' 'Mn 2'
#
# COMPACT_ATOMS: atom_id res chain seq x y z
N LYS A 6 20.04 26.75 -12.40
CA LYS A 6 20.09 26.87 -10.92
C LYS A 6 21.18 25.95 -10.32
N PRO A 7 21.76 26.34 -9.17
CA PRO A 7 22.81 25.55 -8.53
C PRO A 7 22.36 24.75 -7.32
N ILE A 8 23.17 23.75 -6.96
CA ILE A 8 22.92 22.84 -5.86
C ILE A 8 24.20 22.58 -5.08
N GLU A 9 24.20 22.89 -3.78
CA GLU A 9 25.37 22.61 -2.97
C GLU A 9 24.99 21.61 -1.89
N ILE A 10 25.73 20.50 -1.84
CA ILE A 10 25.49 19.44 -0.86
C ILE A 10 26.35 19.69 0.38
N ILE A 11 25.75 19.44 1.54
CA ILE A 11 26.44 19.63 2.81
C ILE A 11 26.19 18.42 3.69
N GLY A 12 27.24 17.86 4.25
CA GLY A 12 27.07 16.71 5.13
C GLY A 12 27.12 17.20 6.55
N ALA A 13 26.18 16.78 7.39
CA ALA A 13 26.18 17.21 8.79
C ALA A 13 26.33 15.99 9.69
N PRO A 14 27.30 15.10 9.39
CA PRO A 14 27.55 13.88 10.18
C PRO A 14 27.53 14.16 11.67
N PHE A 15 26.34 14.14 12.24
CA PHE A 15 26.14 14.44 13.64
C PHE A 15 25.24 13.37 14.25
N SER A 16 25.30 13.21 15.56
CA SER A 16 24.46 12.19 16.20
C SER A 16 24.12 12.49 17.65
N LYS A 17 24.66 13.58 18.18
CA LYS A 17 24.41 13.93 19.58
C LYS A 17 22.92 14.24 19.84
N GLY A 18 22.13 14.26 18.78
CA GLY A 18 20.71 14.54 18.92
C GLY A 18 19.97 13.42 19.64
N GLN A 19 20.32 12.18 19.33
CA GLN A 19 19.71 11.00 19.92
C GLN A 19 20.75 9.98 20.38
N PRO A 20 20.33 8.99 21.19
CA PRO A 20 21.20 7.93 21.74
C PRO A 20 21.73 6.79 20.87
N ARG A 21 21.38 6.75 19.59
CA ARG A 21 21.86 5.64 18.75
C ARG A 21 23.01 5.99 17.82
N GLY A 22 24.09 5.23 17.93
CA GLY A 22 25.28 5.47 17.12
C GLY A 22 25.20 5.01 15.68
N GLY A 23 25.48 5.92 14.77
CA GLY A 23 25.45 5.59 13.35
C GLY A 23 25.04 6.74 12.46
N VAL A 24 23.97 7.42 12.84
CA VAL A 24 23.47 8.54 12.05
C VAL A 24 24.54 9.44 11.43
N GLU A 25 25.68 9.60 12.11
CA GLU A 25 26.74 10.45 11.57
C GLU A 25 27.34 9.80 10.33
N LYS A 26 27.29 8.47 10.26
CA LYS A 26 27.79 7.73 9.11
C LYS A 26 26.83 7.99 7.95
N GLY A 27 25.73 8.70 8.26
CA GLY A 27 24.70 9.00 7.30
C GLY A 27 25.12 9.50 5.93
N PRO A 28 25.52 10.77 5.82
CA PRO A 28 25.94 11.34 4.53
C PRO A 28 27.04 10.54 3.86
N ALA A 29 27.77 9.78 4.65
CA ALA A 29 28.84 8.95 4.11
C ALA A 29 28.24 7.95 3.14
N ALA A 30 27.25 7.18 3.61
CA ALA A 30 26.60 6.19 2.77
C ALA A 30 25.84 6.82 1.62
N LEU A 31 25.12 7.91 1.90
CA LEU A 31 24.35 8.59 0.87
C LEU A 31 25.24 8.94 -0.33
N ARG A 32 26.46 9.37 -0.05
CA ARG A 32 27.38 9.72 -1.13
C ARG A 32 27.89 8.42 -1.76
N LYS A 33 28.26 7.48 -0.90
CA LYS A 33 28.77 6.19 -1.31
C LYS A 33 27.74 5.43 -2.14
N ALA A 34 26.58 6.06 -2.35
CA ALA A 34 25.53 5.44 -3.13
C ALA A 34 25.50 6.16 -4.46
N GLY A 35 26.26 7.24 -4.53
CA GLY A 35 26.33 8.02 -5.75
C GLY A 35 25.33 9.15 -5.80
N LEU A 36 24.97 9.67 -4.63
CA LEU A 36 24.01 10.76 -4.57
C LEU A 36 24.47 11.92 -5.44
N VAL A 37 25.74 12.31 -5.28
CA VAL A 37 26.29 13.41 -6.05
C VAL A 37 26.17 13.12 -7.55
N GLU A 38 26.91 12.13 -8.02
CA GLU A 38 26.92 11.76 -9.43
C GLU A 38 25.53 11.86 -10.04
N LYS A 39 24.58 11.13 -9.47
CA LYS A 39 23.22 11.14 -9.98
C LYS A 39 22.70 12.55 -10.09
N LEU A 40 22.83 13.31 -9.00
CA LEU A 40 22.36 14.69 -9.00
C LEU A 40 22.92 15.47 -10.18
N LYS A 41 24.16 15.18 -10.54
CA LYS A 41 24.77 15.87 -11.66
C LYS A 41 24.05 15.54 -12.96
N GLU A 42 23.75 14.26 -13.16
CA GLU A 42 23.06 13.84 -14.37
C GLU A 42 21.78 14.66 -14.62
N THR A 43 21.32 15.40 -13.61
CA THR A 43 20.10 16.19 -13.75
C THR A 43 20.38 17.54 -14.38
N GLU A 44 19.32 18.35 -14.52
CA GLU A 44 19.44 19.68 -15.10
C GLU A 44 19.97 20.73 -14.10
N TYR A 45 20.35 20.27 -12.92
CA TYR A 45 20.87 21.16 -11.89
C TYR A 45 22.38 21.17 -11.78
N ASN A 46 22.92 22.33 -11.40
CA ASN A 46 24.36 22.50 -11.24
C ASN A 46 24.67 22.10 -9.80
N VAL A 47 25.48 21.05 -9.63
CA VAL A 47 25.78 20.57 -8.29
C VAL A 47 27.21 20.80 -7.84
N ARG A 48 27.37 21.04 -6.54
CA ARG A 48 28.69 21.25 -5.95
C ARG A 48 28.73 20.60 -4.58
N ASP A 49 29.82 19.91 -4.26
CA ASP A 49 29.94 19.25 -2.96
C ASP A 49 30.81 20.06 -2.00
N HIS A 50 30.19 20.58 -0.95
CA HIS A 50 30.87 21.37 0.07
C HIS A 50 31.59 20.44 1.09
N GLY A 51 31.57 19.14 0.81
CA GLY A 51 32.22 18.20 1.72
C GLY A 51 31.44 18.11 3.02
N ASP A 52 31.95 17.40 4.02
CA ASP A 52 31.25 17.27 5.29
C ASP A 52 31.83 18.09 6.45
N LEU A 53 31.01 18.96 7.02
CA LEU A 53 31.43 19.78 8.14
C LEU A 53 32.13 18.93 9.19
N ALA A 54 32.89 19.59 10.04
CA ALA A 54 33.60 18.93 11.14
C ALA A 54 32.96 19.54 12.37
N PHE A 55 32.58 18.69 13.31
CA PHE A 55 31.92 19.18 14.51
C PHE A 55 32.72 19.04 15.79
N VAL A 56 33.38 20.13 16.17
CA VAL A 56 34.19 20.18 17.38
C VAL A 56 33.34 19.72 18.57
N ASP A 57 33.89 18.82 19.37
CA ASP A 57 33.16 18.29 20.51
C ASP A 57 33.36 19.11 21.79
N VAL A 58 32.26 19.67 22.30
CA VAL A 58 32.29 20.47 23.52
C VAL A 58 32.64 19.61 24.73
N PRO A 59 33.86 19.80 25.28
CA PRO A 59 34.29 19.00 26.45
C PRO A 59 33.37 19.21 27.64
N ASN A 60 33.13 18.14 28.39
CA ASN A 60 32.25 18.18 29.55
C ASN A 60 30.91 18.84 29.19
N ASP A 61 30.14 18.19 28.33
CA ASP A 61 28.84 18.71 27.92
C ASP A 61 27.85 18.30 29.01
N SER A 62 27.46 19.26 29.85
CA SER A 62 26.53 19.01 30.94
C SER A 62 25.08 18.95 30.45
N PRO A 63 24.32 17.94 30.90
CA PRO A 63 22.91 17.76 30.51
C PRO A 63 21.94 18.78 31.09
N PHE A 64 21.80 19.93 30.43
CA PHE A 64 20.88 20.99 30.87
C PHE A 64 19.52 20.37 31.23
N GLN A 65 19.36 19.98 32.49
CA GLN A 65 18.13 19.32 32.97
C GLN A 65 18.18 17.92 32.35
N ILE A 66 17.11 17.53 31.67
CA ILE A 66 17.10 16.23 31.01
C ILE A 66 17.81 16.38 29.65
N VAL A 67 17.48 17.47 28.94
CA VAL A 67 18.07 17.77 27.63
C VAL A 67 19.54 17.38 27.67
N LYS A 68 19.99 16.57 26.70
CA LYS A 68 21.38 16.14 26.71
C LYS A 68 22.26 16.82 25.68
N ASN A 69 23.56 16.74 25.92
CA ASN A 69 24.61 17.32 25.06
C ASN A 69 24.20 18.62 24.36
N PRO A 70 23.43 19.49 25.04
CA PRO A 70 22.98 20.74 24.43
C PRO A 70 24.05 21.63 23.81
N ARG A 71 25.25 21.61 24.38
CA ARG A 71 26.31 22.45 23.83
C ARG A 71 26.89 21.91 22.53
N SER A 72 27.12 20.61 22.47
CA SER A 72 27.65 20.01 21.24
C SER A 72 26.66 20.30 20.11
N VAL A 73 25.38 20.09 20.43
CA VAL A 73 24.26 20.32 19.51
C VAL A 73 23.98 21.80 19.23
N GLY A 74 24.60 22.67 20.02
CA GLY A 74 24.40 24.10 19.83
C GLY A 74 25.41 24.69 18.87
N LYS A 75 26.64 24.16 18.91
CA LYS A 75 27.69 24.66 18.04
C LYS A 75 27.59 24.02 16.66
N ALA A 76 27.23 22.74 16.63
CA ALA A 76 27.09 22.03 15.37
C ALA A 76 26.00 22.72 14.55
N ASN A 77 24.90 23.05 15.22
CA ASN A 77 23.77 23.71 14.58
C ASN A 77 24.07 25.15 14.21
N GLU A 78 24.87 25.82 15.03
CA GLU A 78 25.26 27.21 14.75
C GLU A 78 26.17 27.23 13.52
N GLN A 79 27.19 26.39 13.56
CA GLN A 79 28.14 26.30 12.46
C GLN A 79 27.41 26.02 11.15
N LEU A 80 26.44 25.09 11.19
CA LEU A 80 25.70 24.72 9.99
C LEU A 80 24.92 25.91 9.44
N ALA A 81 23.98 26.44 10.22
CA ALA A 81 23.16 27.57 9.80
C ALA A 81 23.98 28.58 9.02
N ALA A 82 25.16 28.91 9.54
CA ALA A 82 26.06 29.85 8.88
C ALA A 82 26.39 29.36 7.46
N VAL A 83 26.92 28.14 7.36
CA VAL A 83 27.28 27.59 6.06
C VAL A 83 26.10 27.63 5.09
N VAL A 84 24.90 27.38 5.61
CA VAL A 84 23.69 27.39 4.81
C VAL A 84 23.39 28.80 4.28
N ALA A 85 23.32 29.75 5.20
CA ALA A 85 23.03 31.13 4.85
C ALA A 85 24.00 31.60 3.78
N GLU A 86 25.21 31.07 3.85
CA GLU A 86 26.28 31.40 2.93
C GLU A 86 25.92 31.06 1.49
N THR A 87 25.58 29.80 1.27
CA THR A 87 25.22 29.33 -0.06
C THR A 87 23.86 29.88 -0.43
N GLN A 88 23.00 30.05 0.56
CA GLN A 88 21.66 30.60 0.33
C GLN A 88 21.81 32.01 -0.25
N LYS A 89 22.87 32.70 0.19
CA LYS A 89 23.22 34.05 -0.25
C LYS A 89 23.53 34.05 -1.76
N ASN A 90 24.43 33.16 -2.16
CA ASN A 90 24.86 33.01 -3.56
C ASN A 90 23.72 32.57 -4.48
N GLY A 91 22.58 32.23 -3.89
CA GLY A 91 21.43 31.80 -4.65
C GLY A 91 21.30 30.32 -4.92
N THR A 92 22.15 29.49 -4.31
CA THR A 92 22.09 28.03 -4.52
C THR A 92 21.13 27.33 -3.55
N ILE A 93 20.69 26.13 -3.92
CA ILE A 93 19.77 25.34 -3.07
C ILE A 93 20.56 24.42 -2.15
N SER A 94 20.37 24.56 -0.85
CA SER A 94 21.09 23.74 0.11
C SER A 94 20.45 22.37 0.40
N VAL A 95 21.25 21.33 0.24
CA VAL A 95 20.80 19.96 0.48
C VAL A 95 21.58 19.36 1.66
N VAL A 96 21.06 19.54 2.86
CA VAL A 96 21.72 19.02 4.04
C VAL A 96 21.52 17.51 4.18
N LEU A 97 22.60 16.81 4.54
CA LEU A 97 22.57 15.36 4.72
C LEU A 97 22.86 15.04 6.19
N GLY A 98 21.93 14.40 6.88
CA GLY A 98 22.16 14.06 8.28
C GLY A 98 22.80 12.68 8.38
N GLY A 99 23.22 12.26 9.58
CA GLY A 99 23.09 13.08 10.77
C GLY A 99 21.67 13.10 11.25
N ASP A 100 21.47 13.07 12.57
CA ASP A 100 20.12 13.08 13.11
C ASP A 100 19.33 14.32 12.70
N HIS A 101 18.07 14.37 13.09
CA HIS A 101 17.22 15.47 12.69
C HIS A 101 17.34 16.76 13.49
N SER A 102 18.09 16.75 14.58
CA SER A 102 18.22 17.97 15.35
C SER A 102 19.09 19.00 14.61
N MET A 103 19.59 18.61 13.43
CA MET A 103 20.40 19.51 12.61
C MET A 103 19.47 20.41 11.81
N ALA A 104 18.18 20.29 12.08
CA ALA A 104 17.21 21.11 11.41
C ALA A 104 17.38 22.53 11.96
N ILE A 105 17.59 22.62 13.27
CA ILE A 105 17.78 23.90 13.93
C ILE A 105 18.79 24.70 13.12
N GLY A 106 19.90 24.07 12.80
CA GLY A 106 20.90 24.76 12.00
C GLY A 106 20.33 25.02 10.61
N SER A 107 20.36 24.00 9.76
CA SER A 107 19.88 24.08 8.39
C SER A 107 18.78 25.10 8.11
N ILE A 108 17.71 25.08 8.91
CA ILE A 108 16.60 26.01 8.70
C ILE A 108 16.92 27.47 9.07
N SER A 109 17.54 27.68 10.25
CA SER A 109 17.90 29.03 10.68
C SER A 109 18.75 29.74 9.63
N GLY A 110 19.85 29.10 9.24
CA GLY A 110 20.71 29.70 8.23
C GLY A 110 19.88 30.07 7.01
N HIS A 111 19.12 29.10 6.51
CA HIS A 111 18.27 29.31 5.34
C HIS A 111 17.39 30.55 5.56
N ALA A 112 16.68 30.58 6.69
CA ALA A 112 15.79 31.69 7.05
C ALA A 112 16.47 33.04 6.80
N ARG A 113 17.72 33.14 7.23
CA ARG A 113 18.49 34.37 7.06
C ARG A 113 18.28 34.96 5.67
N VAL A 114 18.69 34.23 4.64
CA VAL A 114 18.55 34.71 3.26
C VAL A 114 17.10 34.83 2.80
N HIS A 115 16.21 34.00 3.34
CA HIS A 115 14.80 34.07 2.97
C HIS A 115 13.95 33.86 4.23
N PRO A 116 13.62 34.95 4.94
CA PRO A 116 12.82 34.79 6.16
C PRO A 116 11.34 34.64 5.87
N ASP A 117 10.99 34.59 4.59
CA ASP A 117 9.59 34.44 4.18
C ASP A 117 9.26 32.97 3.87
N LEU A 118 10.32 32.13 3.89
CA LEU A 118 10.22 30.69 3.63
C LEU A 118 9.16 29.95 4.44
N CYS A 119 8.68 28.85 3.87
CA CYS A 119 7.71 27.98 4.52
C CYS A 119 8.40 26.62 4.63
N VAL A 120 8.04 25.86 5.64
CA VAL A 120 8.65 24.57 5.88
C VAL A 120 7.65 23.42 5.78
N ILE A 121 8.02 22.37 5.06
CA ILE A 121 7.19 21.17 4.95
C ILE A 121 7.97 20.05 5.68
N TRP A 122 7.42 19.57 6.78
CA TRP A 122 8.06 18.57 7.60
C TRP A 122 7.55 17.14 7.44
N VAL A 123 8.13 16.38 6.50
CA VAL A 123 7.72 14.99 6.28
C VAL A 123 8.47 14.18 7.32
N ASP A 124 7.76 13.75 8.36
CA ASP A 124 8.37 13.01 9.44
C ASP A 124 7.31 12.17 10.13
N ALA A 125 7.74 11.11 10.80
CA ALA A 125 6.80 10.26 11.53
C ALA A 125 6.46 11.02 12.81
N HIS A 126 7.47 11.71 13.33
CA HIS A 126 7.40 12.51 14.56
C HIS A 126 7.36 14.00 14.27
N THR A 127 6.86 14.77 15.24
CA THR A 127 6.76 16.23 15.14
C THR A 127 8.02 16.96 15.64
N ASP A 128 8.73 16.33 16.58
CA ASP A 128 9.96 16.89 17.14
C ASP A 128 9.76 18.31 17.66
N ILE A 129 8.54 18.58 18.08
CA ILE A 129 8.16 19.91 18.59
C ILE A 129 8.16 20.02 20.13
N ASN A 130 8.82 19.08 20.80
CA ASN A 130 8.92 19.11 22.25
C ASN A 130 9.87 20.23 22.64
N THR A 131 9.68 20.79 23.82
CA THR A 131 10.56 21.83 24.32
C THR A 131 11.34 21.14 25.42
N PRO A 132 12.36 21.81 25.98
CA PRO A 132 13.11 21.15 27.05
C PRO A 132 12.18 20.87 28.24
N LEU A 133 10.97 21.40 28.17
CA LEU A 133 9.97 21.26 29.22
C LEU A 133 8.98 20.11 29.02
N THR A 134 9.05 19.43 27.88
CA THR A 134 8.13 18.34 27.59
C THR A 134 8.84 16.98 27.42
N THR A 135 9.92 16.98 26.65
CA THR A 135 10.69 15.77 26.38
C THR A 135 10.77 14.80 27.54
N SER A 136 10.86 13.52 27.20
CA SER A 136 10.98 12.47 28.21
C SER A 136 12.38 11.93 28.02
N SER A 137 13.10 12.56 27.11
CA SER A 137 14.49 12.21 26.80
C SER A 137 15.19 13.52 26.46
N GLY A 138 16.49 13.56 26.66
CA GLY A 138 17.22 14.78 26.36
C GLY A 138 17.36 14.93 24.85
N ASN A 139 17.06 13.84 24.15
CA ASN A 139 17.17 13.81 22.69
C ASN A 139 16.66 15.08 22.03
N LEU A 140 17.60 15.94 21.67
CA LEU A 140 17.24 17.18 21.01
C LEU A 140 16.66 16.92 19.63
N HIS A 141 17.08 15.81 19.00
CA HIS A 141 16.56 15.51 17.67
C HIS A 141 15.03 15.44 17.71
N GLY A 142 14.47 15.56 18.91
CA GLY A 142 13.03 15.51 19.06
C GLY A 142 12.50 16.81 19.60
N GLN A 143 13.19 17.90 19.26
CA GLN A 143 12.80 19.24 19.71
C GLN A 143 13.02 20.37 18.71
N PRO A 144 13.83 20.14 17.65
CA PRO A 144 14.11 21.17 16.65
C PRO A 144 13.06 22.24 16.39
N VAL A 145 11.82 21.86 16.19
CA VAL A 145 10.79 22.85 15.90
C VAL A 145 10.59 23.83 17.05
N ALA A 146 10.94 23.42 18.26
CA ALA A 146 10.80 24.29 19.42
C ALA A 146 11.74 25.50 19.35
N PHE A 147 12.99 25.25 18.99
CA PHE A 147 13.97 26.32 18.87
C PHE A 147 13.76 27.20 17.66
N LEU A 148 12.83 26.83 16.80
CA LEU A 148 12.59 27.60 15.59
C LEU A 148 11.25 28.32 15.61
N LEU A 149 10.33 27.79 16.38
CA LEU A 149 9.01 28.40 16.46
C LEU A 149 9.03 29.67 17.32
N LYS A 150 8.45 30.73 16.78
CA LYS A 150 8.38 31.99 17.49
C LYS A 150 7.35 31.88 18.62
N GLU A 151 6.19 31.32 18.30
CA GLU A 151 5.13 31.15 19.28
C GLU A 151 5.58 30.28 20.46
N LEU A 152 6.82 29.84 20.41
CA LEU A 152 7.33 29.02 21.50
C LEU A 152 8.62 29.61 22.03
N LYS A 153 8.89 30.85 21.61
CA LYS A 153 10.10 31.55 22.05
C LYS A 153 9.99 31.95 23.52
N GLY A 154 11.02 31.63 24.29
CA GLY A 154 11.01 31.95 25.70
C GLY A 154 10.11 31.04 26.51
N LYS A 155 9.28 30.27 25.83
CA LYS A 155 8.37 29.35 26.51
C LYS A 155 9.12 28.25 27.29
N PHE A 156 10.45 28.30 27.24
CA PHE A 156 11.30 27.35 27.95
C PHE A 156 12.65 27.96 28.30
N PRO A 157 13.30 27.48 29.38
CA PRO A 157 14.60 28.01 29.80
C PRO A 157 15.65 28.01 28.70
N ASP A 158 16.29 29.16 28.48
CA ASP A 158 17.33 29.26 27.46
C ASP A 158 18.23 28.05 27.59
N VAL A 159 18.65 27.51 26.45
CA VAL A 159 19.48 26.32 26.48
C VAL A 159 20.94 26.58 26.14
N PRO A 160 21.86 26.01 26.94
CA PRO A 160 23.30 26.16 26.75
C PRO A 160 23.74 25.81 25.33
N GLY A 161 24.25 26.80 24.61
CA GLY A 161 24.72 26.56 23.26
C GLY A 161 23.79 26.96 22.14
N PHE A 162 22.54 27.25 22.46
CA PHE A 162 21.58 27.64 21.43
C PHE A 162 21.28 29.12 21.44
N SER A 163 21.77 29.81 22.46
CA SER A 163 21.58 31.24 22.61
C SER A 163 21.60 31.98 21.26
N TRP A 164 22.42 31.49 20.33
CA TRP A 164 22.58 32.08 19.01
C TRP A 164 21.37 31.98 18.05
N VAL A 165 20.39 31.14 18.40
CA VAL A 165 19.23 30.94 17.54
C VAL A 165 18.12 31.97 17.72
N THR A 166 17.53 32.36 16.60
CA THR A 166 16.45 33.35 16.58
C THR A 166 15.21 32.70 15.96
N PRO A 167 14.17 32.47 16.78
CA PRO A 167 12.94 31.86 16.26
C PRO A 167 12.55 32.52 14.92
N CYS A 168 12.76 31.76 13.84
CA CYS A 168 12.51 32.26 12.48
C CYS A 168 11.18 32.02 11.79
N ILE A 169 10.35 31.11 12.29
CA ILE A 169 9.06 30.87 11.63
C ILE A 169 7.91 30.66 12.61
N SER A 170 6.72 30.99 12.14
CA SER A 170 5.51 30.86 12.94
C SER A 170 4.70 29.63 12.57
N ALA A 171 3.89 29.16 13.52
CA ALA A 171 3.04 27.99 13.33
C ALA A 171 2.09 28.08 12.11
N LYS A 172 2.23 29.13 11.31
CA LYS A 172 1.36 29.25 10.15
C LYS A 172 2.15 29.13 8.87
N ASP A 173 3.45 28.87 9.00
CA ASP A 173 4.31 28.72 7.82
C ASP A 173 4.92 27.33 7.73
N ILE A 174 4.50 26.45 8.64
CA ILE A 174 4.98 25.07 8.69
C ILE A 174 3.86 24.08 8.48
N VAL A 175 4.17 22.95 7.84
CA VAL A 175 3.18 21.91 7.64
C VAL A 175 3.79 20.50 7.80
N TYR A 176 3.13 19.69 8.63
CA TYR A 176 3.59 18.35 8.90
C TYR A 176 2.89 17.35 8.00
N ILE A 177 3.64 16.36 7.56
CA ILE A 177 3.10 15.29 6.73
C ILE A 177 3.75 13.99 7.15
N GLY A 178 2.94 13.06 7.66
CA GLY A 178 3.45 11.76 8.05
C GLY A 178 3.42 11.41 9.52
N LEU A 179 2.92 12.33 10.33
CA LEU A 179 2.85 12.15 11.78
C LEU A 179 2.10 10.88 12.18
N ARG A 180 2.69 10.13 13.10
CA ARG A 180 2.04 8.93 13.57
C ARG A 180 2.50 8.44 14.93
N ASP A 181 3.39 9.18 15.57
CA ASP A 181 3.89 8.82 16.91
C ASP A 181 4.21 10.08 17.70
N VAL A 182 3.13 10.76 18.12
CA VAL A 182 3.19 12.01 18.84
C VAL A 182 3.05 11.93 20.35
N ASP A 183 3.97 12.60 21.05
CA ASP A 183 3.98 12.64 22.50
C ASP A 183 2.91 13.59 22.99
N PRO A 184 2.28 13.26 24.14
CA PRO A 184 1.22 14.09 24.72
C PRO A 184 1.55 15.56 24.59
N GLY A 185 2.67 15.97 25.20
CA GLY A 185 3.08 17.37 25.14
C GLY A 185 3.01 17.93 23.73
N GLU A 186 3.72 17.28 22.82
CA GLU A 186 3.73 17.73 21.44
C GLU A 186 2.32 17.91 20.89
N HIS A 187 1.43 16.95 21.17
CA HIS A 187 0.06 17.05 20.67
C HIS A 187 -0.64 18.31 21.15
N TYR A 188 -0.41 18.62 22.43
CA TYR A 188 -0.96 19.80 23.09
C TYR A 188 -0.53 21.03 22.29
N ILE A 189 0.78 21.24 22.27
CA ILE A 189 1.41 22.36 21.58
C ILE A 189 0.96 22.55 20.13
N ILE A 190 0.88 21.47 19.36
CA ILE A 190 0.48 21.55 17.95
C ILE A 190 -0.98 21.92 17.78
N LYS A 191 -1.80 21.51 18.74
CA LYS A 191 -3.23 21.82 18.71
C LYS A 191 -3.40 23.26 19.16
N THR A 192 -2.78 23.58 20.29
CA THR A 192 -2.82 24.91 20.87
C THR A 192 -2.38 25.94 19.84
N LEU A 193 -1.13 25.82 19.37
CA LEU A 193 -0.59 26.75 18.39
C LEU A 193 -1.18 26.56 17.00
N GLY A 194 -2.35 25.93 16.95
CA GLY A 194 -3.04 25.70 15.68
C GLY A 194 -2.14 25.52 14.48
N ILE A 195 -1.37 24.43 14.48
CA ILE A 195 -0.45 24.11 13.39
C ILE A 195 -1.16 23.26 12.36
N LYS A 196 -0.77 23.38 11.11
CA LYS A 196 -1.40 22.59 10.04
C LYS A 196 -0.62 21.30 9.75
N TYR A 197 -1.28 20.18 9.95
CA TYR A 197 -0.64 18.89 9.72
C TYR A 197 -1.47 17.91 8.90
N PHE A 198 -0.84 16.78 8.62
CA PHE A 198 -1.47 15.71 7.88
C PHE A 198 -0.89 14.46 8.48
N SER A 199 -1.58 13.93 9.50
CA SER A 199 -1.13 12.72 10.14
C SER A 199 -1.47 11.60 9.18
N MET A 200 -0.89 10.43 9.42
CA MET A 200 -1.18 9.27 8.58
C MET A 200 -2.69 9.13 8.37
N THR A 201 -3.47 9.40 9.42
CA THR A 201 -4.92 9.26 9.27
C THR A 201 -5.43 10.22 8.20
N GLU A 202 -4.90 11.45 8.14
CA GLU A 202 -5.35 12.39 7.10
C GLU A 202 -4.96 11.94 5.72
N VAL A 203 -3.69 11.51 5.59
CA VAL A 203 -3.22 11.03 4.31
C VAL A 203 -4.14 9.87 3.97
N ASP A 204 -4.30 8.96 4.93
CA ASP A 204 -5.15 7.81 4.74
C ASP A 204 -6.46 8.24 4.12
N LYS A 205 -7.10 9.21 4.76
CA LYS A 205 -8.37 9.74 4.31
C LYS A 205 -8.34 10.48 2.98
N LEU A 206 -7.60 11.58 2.91
CA LEU A 206 -7.54 12.41 1.71
C LEU A 206 -6.81 11.84 0.51
N GLY A 207 -5.64 11.24 0.76
CA GLY A 207 -4.84 10.69 -0.33
C GLY A 207 -3.68 11.63 -0.61
N ILE A 208 -2.46 11.11 -0.58
CA ILE A 208 -1.29 11.95 -0.79
C ILE A 208 -1.53 13.01 -1.86
N GLY A 209 -2.39 12.68 -2.82
CA GLY A 209 -2.69 13.63 -3.90
C GLY A 209 -3.21 14.96 -3.38
N LYS A 210 -4.32 14.89 -2.63
CA LYS A 210 -4.97 16.05 -2.04
C LYS A 210 -4.07 16.70 -1.00
N VAL A 211 -3.42 15.88 -0.16
CA VAL A 211 -2.53 16.40 0.87
C VAL A 211 -1.64 17.51 0.34
N MET A 212 -0.85 17.19 -0.69
CA MET A 212 0.04 18.19 -1.27
C MET A 212 -0.78 19.38 -1.77
N GLU A 213 -1.74 19.05 -2.64
CA GLU A 213 -2.67 20.00 -3.23
C GLU A 213 -3.03 21.08 -2.20
N GLU A 214 -3.44 20.65 -1.01
CA GLU A 214 -3.79 21.56 0.05
C GLU A 214 -2.57 22.21 0.69
N THR A 215 -1.67 21.41 1.25
CA THR A 215 -0.47 21.96 1.87
C THR A 215 0.11 23.08 1.02
N PHE A 216 -0.01 22.94 -0.31
CA PHE A 216 0.50 24.00 -1.17
C PHE A 216 -0.37 25.24 -1.00
N SER A 217 -1.59 25.24 -1.55
CA SER A 217 -2.44 26.41 -1.41
C SER A 217 -2.36 26.97 0.02
N TYR A 218 -2.37 26.10 1.03
CA TYR A 218 -2.30 26.58 2.41
C TYR A 218 -1.03 27.39 2.71
N LEU A 219 0.07 27.06 2.03
CA LEU A 219 1.35 27.76 2.25
C LEU A 219 1.74 28.71 1.12
N LEU A 220 1.11 28.52 -0.04
CA LEU A 220 1.41 29.35 -1.19
C LEU A 220 0.11 29.81 -1.87
N GLY A 221 -0.92 30.05 -1.07
CA GLY A 221 -2.17 30.50 -1.63
C GLY A 221 -2.04 31.95 -2.05
N ARG A 222 -1.64 32.79 -1.09
CA ARG A 222 -1.46 34.22 -1.32
C ARG A 222 -0.13 34.46 -2.05
N LYS A 223 0.91 34.71 -1.27
CA LYS A 223 2.25 34.98 -1.78
C LYS A 223 3.12 33.71 -1.91
N LYS A 224 3.63 33.46 -3.11
CA LYS A 224 4.49 32.31 -3.36
C LYS A 224 5.86 32.54 -2.73
N ARG A 225 6.18 31.77 -1.69
CA ARG A 225 7.47 31.90 -1.03
C ARG A 225 8.45 30.75 -1.36
N PRO A 226 9.61 30.69 -0.67
CA PRO A 226 10.55 29.61 -0.93
C PRO A 226 10.17 28.45 -0.02
N ILE A 227 10.53 27.23 -0.43
CA ILE A 227 10.18 26.06 0.37
C ILE A 227 11.38 25.35 0.96
N HIS A 228 11.26 24.97 2.22
CA HIS A 228 12.30 24.23 2.90
C HIS A 228 11.70 22.87 3.23
N LEU A 229 12.21 21.83 2.58
CA LEU A 229 11.70 20.47 2.81
C LEU A 229 12.58 19.72 3.78
N SER A 230 12.07 19.49 4.98
CA SER A 230 12.81 18.73 5.99
C SER A 230 12.21 17.31 5.92
N PHE A 231 12.94 16.38 5.32
CA PHE A 231 12.44 15.02 5.16
C PHE A 231 13.08 14.06 6.13
N ASP A 232 12.27 13.50 7.02
CA ASP A 232 12.82 12.54 7.97
C ASP A 232 12.58 11.15 7.41
N VAL A 233 13.65 10.45 7.06
CA VAL A 233 13.54 9.12 6.50
C VAL A 233 12.71 8.13 7.35
N ASP A 234 12.48 8.43 8.62
CA ASP A 234 11.67 7.51 9.39
C ASP A 234 10.22 7.71 8.94
N GLY A 235 9.97 8.83 8.28
CA GLY A 235 8.66 9.18 7.79
C GLY A 235 8.00 8.23 6.78
N LEU A 236 8.78 7.49 6.02
CA LEU A 236 8.17 6.52 5.12
C LEU A 236 7.97 5.35 6.07
N ASP A 237 7.23 4.33 5.66
CA ASP A 237 7.05 3.19 6.55
C ASP A 237 8.37 2.38 6.75
N PRO A 238 8.53 1.73 7.90
CA PRO A 238 9.74 0.93 8.19
C PRO A 238 10.13 -0.13 7.16
N VAL A 239 9.18 -0.62 6.38
CA VAL A 239 9.48 -1.58 5.32
C VAL A 239 10.42 -0.90 4.31
N PHE A 240 10.09 0.32 3.90
CA PHE A 240 10.87 1.08 2.91
C PHE A 240 12.14 1.80 3.34
N THR A 241 12.20 2.26 4.59
CA THR A 241 13.40 2.94 5.08
C THR A 241 13.61 2.45 6.50
N PRO A 242 13.89 1.14 6.64
CA PRO A 242 14.13 0.44 7.90
C PRO A 242 15.31 0.89 8.74
N ALA A 243 16.40 1.31 8.10
CA ALA A 243 17.58 1.74 8.85
C ALA A 243 17.46 3.10 9.49
N THR A 244 16.71 3.20 10.58
CA THR A 244 16.56 4.49 11.25
C THR A 244 16.57 4.37 12.76
N GLY A 245 16.51 5.53 13.41
CA GLY A 245 16.51 5.60 14.85
C GLY A 245 15.20 5.06 15.38
N THR A 246 14.09 5.56 14.85
CA THR A 246 12.80 5.11 15.33
C THR A 246 11.84 4.56 14.32
N PRO A 247 11.94 3.27 13.99
CA PRO A 247 10.95 2.82 13.02
C PRO A 247 9.60 3.01 13.70
N VAL A 248 8.57 3.32 12.91
CA VAL A 248 7.22 3.54 13.43
C VAL A 248 6.25 3.08 12.32
N VAL A 249 5.63 1.93 12.53
CA VAL A 249 4.77 1.34 11.52
C VAL A 249 3.53 2.08 10.98
N GLY A 250 3.18 1.76 9.72
CA GLY A 250 2.01 2.34 9.12
C GLY A 250 2.23 3.76 8.64
N GLY A 251 3.41 4.00 8.09
CA GLY A 251 3.77 5.32 7.59
C GLY A 251 3.69 5.47 6.08
N LEU A 252 4.10 6.66 5.63
CA LEU A 252 4.12 7.03 4.22
C LEU A 252 4.77 5.90 3.43
N SER A 253 4.30 5.66 2.21
CA SER A 253 4.89 4.60 1.40
C SER A 253 5.94 5.14 0.42
N TYR A 254 6.86 4.29 -0.04
CA TYR A 254 7.89 4.71 -1.00
C TYR A 254 7.29 5.52 -2.15
N ARG A 255 6.10 5.14 -2.59
CA ARG A 255 5.41 5.86 -3.67
C ARG A 255 4.96 7.26 -3.21
N GLU A 256 4.16 7.30 -2.15
CA GLU A 256 3.72 8.59 -1.62
C GLU A 256 4.96 9.41 -1.31
N GLY A 257 6.04 8.73 -0.95
CA GLY A 257 7.25 9.45 -0.61
C GLY A 257 7.74 10.17 -1.83
N LEU A 258 7.69 9.48 -2.96
CA LEU A 258 8.13 10.10 -4.18
C LEU A 258 7.04 10.97 -4.74
N TYR A 259 5.79 10.77 -4.31
CA TYR A 259 4.77 11.66 -4.85
C TYR A 259 4.95 13.02 -4.22
N ILE A 260 5.47 13.04 -3.00
CA ILE A 260 5.66 14.32 -2.35
C ILE A 260 6.87 15.01 -2.94
N THR A 261 8.06 14.43 -2.79
CA THR A 261 9.22 15.09 -3.36
C THR A 261 8.95 15.59 -4.79
N GLU A 262 8.13 14.82 -5.51
CA GLU A 262 7.74 15.12 -6.91
C GLU A 262 6.90 16.38 -7.10
N GLU A 263 5.80 16.52 -6.36
CA GLU A 263 4.97 17.72 -6.49
C GLU A 263 5.71 18.96 -5.98
N ILE A 264 6.65 18.78 -5.04
CA ILE A 264 7.40 19.92 -4.53
C ILE A 264 8.33 20.43 -5.64
N TYR A 265 8.94 19.51 -6.37
CA TYR A 265 9.83 19.89 -7.46
C TYR A 265 9.07 20.66 -8.51
N LYS A 266 7.86 20.21 -8.81
CA LYS A 266 7.03 20.85 -9.81
C LYS A 266 6.61 22.29 -9.46
N THR A 267 6.66 22.66 -8.19
CA THR A 267 6.30 24.04 -7.81
C THR A 267 7.44 25.00 -8.12
N GLY A 268 8.62 24.44 -8.39
CA GLY A 268 9.79 25.24 -8.71
C GLY A 268 10.22 26.15 -7.58
N LEU A 269 9.72 25.91 -6.38
CA LEU A 269 10.06 26.76 -5.25
C LEU A 269 11.00 26.12 -4.21
N LEU A 270 11.73 25.08 -4.61
CA LEU A 270 12.62 24.43 -3.65
C LEU A 270 13.84 25.29 -3.41
N SER A 271 14.22 25.44 -2.14
CA SER A 271 15.36 26.26 -1.79
C SER A 271 16.31 25.55 -0.80
N GLY A 272 15.74 24.67 0.01
CA GLY A 272 16.53 23.94 0.97
C GLY A 272 15.94 22.56 1.22
N LEU A 273 16.79 21.55 1.34
CA LEU A 273 16.31 20.19 1.54
C LEU A 273 17.06 19.54 2.69
N ASP A 274 16.37 18.65 3.40
CA ASP A 274 16.96 17.91 4.51
C ASP A 274 16.68 16.41 4.36
N ILE A 275 17.76 15.64 4.21
CA ILE A 275 17.68 14.19 4.09
C ILE A 275 18.32 13.69 5.38
N MET A 276 17.51 13.67 6.43
CA MET A 276 17.96 13.30 7.76
C MET A 276 17.61 11.90 8.24
N GLU A 277 18.26 11.53 9.35
CA GLU A 277 18.08 10.29 10.09
C GLU A 277 18.54 8.93 9.54
N VAL A 278 19.12 8.89 8.34
CA VAL A 278 19.59 7.63 7.80
C VAL A 278 20.74 7.06 8.64
N ASN A 279 20.53 5.92 9.30
CA ASN A 279 21.57 5.32 10.14
C ASN A 279 22.12 4.00 9.60
N PRO A 280 23.05 4.07 8.65
CA PRO A 280 23.70 2.93 7.99
C PRO A 280 24.16 1.81 8.87
N THR A 281 23.96 1.94 10.17
CA THR A 281 24.40 0.89 11.07
C THR A 281 23.22 0.12 11.64
N LEU A 282 22.03 0.68 11.51
CA LEU A 282 20.85 0.06 12.06
C LEU A 282 20.06 -0.84 11.13
N GLY A 283 20.73 -1.49 10.19
CA GLY A 283 20.01 -2.40 9.30
C GLY A 283 20.10 -3.85 9.74
N LYS A 284 18.94 -4.49 9.95
CA LYS A 284 18.88 -5.90 10.36
C LYS A 284 19.62 -6.83 9.40
N THR A 285 19.90 -6.31 8.21
CA THR A 285 20.62 -7.03 7.17
C THR A 285 21.14 -5.97 6.23
N PRO A 286 22.23 -6.25 5.50
CA PRO A 286 22.78 -5.27 4.58
C PRO A 286 21.69 -4.66 3.71
N GLU A 287 20.96 -5.54 3.02
CA GLU A 287 19.86 -5.12 2.14
C GLU A 287 19.04 -3.97 2.74
N GLU A 288 18.64 -4.13 4.00
CA GLU A 288 17.87 -3.09 4.67
C GLU A 288 18.60 -1.76 4.63
N VAL A 289 19.84 -1.71 5.09
CA VAL A 289 20.55 -0.43 5.03
C VAL A 289 20.51 0.08 3.58
N THR A 290 20.75 -0.82 2.63
CA THR A 290 20.77 -0.46 1.21
C THR A 290 19.42 0.07 0.69
N ARG A 291 18.33 -0.56 1.13
CA ARG A 291 16.99 -0.11 0.72
C ARG A 291 16.93 1.35 1.18
N THR A 292 17.10 1.54 2.48
CA THR A 292 17.06 2.85 3.09
C THR A 292 17.82 3.88 2.28
N VAL A 293 19.14 3.74 2.27
CA VAL A 293 19.98 4.67 1.51
C VAL A 293 19.43 4.99 0.13
N ASN A 294 19.10 3.96 -0.65
CA ASN A 294 18.58 4.16 -1.99
C ASN A 294 17.28 4.96 -2.04
N THR A 295 16.26 4.55 -1.29
CA THR A 295 15.00 5.27 -1.34
C THR A 295 15.26 6.69 -0.86
N ALA A 296 16.31 6.85 -0.05
CA ALA A 296 16.69 8.18 0.44
C ALA A 296 17.26 8.97 -0.74
N VAL A 297 18.23 8.37 -1.42
CA VAL A 297 18.82 9.00 -2.58
C VAL A 297 17.75 9.35 -3.60
N ALA A 298 16.94 8.37 -3.97
CA ALA A 298 15.90 8.58 -4.96
C ALA A 298 14.91 9.69 -4.58
N LEU A 299 14.74 9.90 -3.26
CA LEU A 299 13.84 10.94 -2.79
C LEU A 299 14.46 12.28 -3.15
N THR A 300 15.76 12.40 -2.95
CA THR A 300 16.49 13.61 -3.27
C THR A 300 16.39 13.95 -4.75
N LEU A 301 16.98 13.10 -5.59
CA LEU A 301 16.95 13.31 -7.04
C LEU A 301 15.53 13.64 -7.49
N SER A 302 14.56 13.17 -6.72
CA SER A 302 13.16 13.43 -7.03
C SER A 302 13.00 14.94 -6.89
N CYS A 303 13.31 15.44 -5.69
CA CYS A 303 13.23 16.86 -5.39
C CYS A 303 13.84 17.71 -6.50
N PHE A 304 14.89 17.17 -7.14
CA PHE A 304 15.58 17.90 -8.19
C PHE A 304 15.33 17.46 -9.63
N GLY A 305 14.09 17.13 -9.98
CA GLY A 305 13.84 16.76 -11.36
C GLY A 305 13.25 15.42 -11.73
N THR A 306 14.04 14.36 -11.59
CA THR A 306 13.62 13.00 -11.95
C THR A 306 12.14 12.67 -11.69
N LYS A 307 11.39 12.42 -12.77
CA LYS A 307 9.97 12.07 -12.66
C LYS A 307 9.86 10.59 -12.95
N ARG A 308 8.92 9.93 -12.30
CA ARG A 308 8.74 8.50 -12.55
C ARG A 308 8.22 8.23 -13.96
N GLU A 309 7.81 9.29 -14.63
CA GLU A 309 7.33 9.11 -16.00
C GLU A 309 8.50 9.10 -16.98
N GLY A 310 9.58 9.75 -16.55
CA GLY A 310 10.76 9.81 -17.39
C GLY A 310 11.26 11.22 -17.65
N ASN A 311 12.51 11.32 -18.12
CA ASN A 311 13.12 12.62 -18.39
C ASN A 311 13.93 12.58 -19.69
N HIS A 312 13.69 13.55 -20.57
CA HIS A 312 14.41 13.66 -21.84
C HIS A 312 15.02 15.05 -21.94
N LYS A 313 16.32 15.11 -22.22
CA LYS A 313 17.02 16.38 -22.33
C LYS A 313 16.46 17.17 -23.51
N PRO A 314 15.93 18.38 -23.25
CA PRO A 314 15.35 19.26 -24.26
C PRO A 314 16.24 19.57 -25.45
N GLU A 315 15.60 20.04 -26.52
CA GLU A 315 16.27 20.42 -27.76
C GLU A 315 16.77 19.24 -28.59
N THR A 316 17.22 18.17 -27.93
CA THR A 316 17.72 17.00 -28.65
C THR A 316 16.60 16.15 -29.24
N ASP A 317 16.82 15.69 -30.48
CA ASP A 317 15.86 14.85 -31.20
C ASP A 317 16.38 13.41 -31.08
N TYR A 318 15.77 12.65 -30.17
CA TYR A 318 16.17 11.27 -29.95
C TYR A 318 15.78 10.38 -31.13
N LEU A 319 14.90 10.89 -31.98
CA LEU A 319 14.46 10.18 -33.17
C LEU A 319 15.50 10.26 -34.30
N LYS B 6 -19.11 -17.62 -24.38
CA LYS B 6 -17.88 -17.15 -25.10
C LYS B 6 -16.72 -18.14 -24.90
N PRO B 7 -15.79 -18.23 -25.88
CA PRO B 7 -14.65 -19.13 -25.80
C PRO B 7 -13.32 -18.46 -25.46
N ILE B 8 -12.38 -19.29 -25.00
CA ILE B 8 -11.06 -18.86 -24.58
C ILE B 8 -9.99 -19.84 -25.09
N GLU B 9 -9.04 -19.35 -25.88
CA GLU B 9 -7.97 -20.22 -26.34
C GLU B 9 -6.65 -19.70 -25.78
N ILE B 10 -5.92 -20.58 -25.09
CA ILE B 10 -4.63 -20.24 -24.50
C ILE B 10 -3.51 -20.56 -25.48
N ILE B 11 -2.53 -19.68 -25.55
CA ILE B 11 -1.39 -19.86 -26.44
C ILE B 11 -0.11 -19.56 -25.67
N GLY B 12 0.86 -20.45 -25.75
CA GLY B 12 2.11 -20.22 -25.07
C GLY B 12 3.11 -19.70 -26.08
N ALA B 13 3.83 -18.65 -25.75
CA ALA B 13 4.82 -18.09 -26.68
C ALA B 13 6.20 -18.17 -26.05
N PRO B 14 6.57 -19.34 -25.47
CA PRO B 14 7.88 -19.54 -24.82
C PRO B 14 9.01 -18.98 -25.65
N PHE B 15 9.26 -17.69 -25.47
CA PHE B 15 10.27 -16.99 -26.24
C PHE B 15 11.12 -16.15 -25.28
N SER B 16 12.34 -15.80 -25.68
CA SER B 16 13.18 -15.01 -24.80
C SER B 16 14.20 -14.15 -25.53
N LYS B 17 14.25 -14.28 -26.85
CA LYS B 17 15.23 -13.51 -27.63
C LYS B 17 15.00 -12.00 -27.52
N GLY B 18 13.91 -11.61 -26.86
CA GLY B 18 13.61 -10.19 -26.70
C GLY B 18 14.60 -9.48 -25.79
N GLN B 19 15.00 -10.16 -24.71
CA GLN B 19 15.93 -9.61 -23.74
C GLN B 19 17.04 -10.62 -23.39
N PRO B 20 18.12 -10.16 -22.73
CA PRO B 20 19.27 -10.97 -22.33
C PRO B 20 19.19 -11.97 -21.16
N ARG B 21 18.04 -12.08 -20.50
CA ARG B 21 17.94 -13.02 -19.36
C ARG B 21 17.22 -14.32 -19.67
N GLY B 22 17.90 -15.43 -19.40
CA GLY B 22 17.35 -16.74 -19.67
C GLY B 22 16.33 -17.23 -18.67
N GLY B 23 15.16 -17.62 -19.18
CA GLY B 23 14.11 -18.12 -18.31
C GLY B 23 12.71 -17.82 -18.81
N VAL B 24 12.49 -16.58 -19.20
CA VAL B 24 11.17 -16.17 -19.68
C VAL B 24 10.43 -17.19 -20.54
N GLU B 25 11.17 -17.98 -21.32
CA GLU B 25 10.54 -18.97 -22.18
C GLU B 25 9.91 -20.07 -21.32
N LYS B 26 10.47 -20.29 -20.14
CA LYS B 26 9.94 -21.29 -19.19
C LYS B 26 8.63 -20.72 -18.64
N GLY B 27 8.34 -19.49 -19.03
CA GLY B 27 7.15 -18.78 -18.57
C GLY B 27 5.84 -19.54 -18.57
N PRO B 28 5.22 -19.70 -19.74
CA PRO B 28 3.93 -20.40 -19.86
C PRO B 28 3.97 -21.79 -19.25
N ALA B 29 5.16 -22.35 -19.15
CA ALA B 29 5.32 -23.68 -18.57
C ALA B 29 4.84 -23.64 -17.12
N ALA B 30 5.40 -22.72 -16.34
CA ALA B 30 5.04 -22.58 -14.94
C ALA B 30 3.58 -22.14 -14.78
N LEU B 31 3.16 -21.17 -15.60
CA LEU B 31 1.78 -20.67 -15.52
C LEU B 31 0.79 -21.82 -15.62
N ARG B 32 1.07 -22.78 -16.50
CA ARG B 32 0.17 -23.92 -16.67
C ARG B 32 0.35 -24.85 -15.46
N LYS B 33 1.61 -25.08 -15.11
CA LYS B 33 1.99 -25.94 -14.01
C LYS B 33 1.42 -25.40 -12.69
N ALA B 34 0.72 -24.28 -12.77
CA ALA B 34 0.12 -23.68 -11.59
C ALA B 34 -1.36 -23.96 -11.66
N GLY B 35 -1.79 -24.49 -12.81
CA GLY B 35 -3.19 -24.81 -13.01
C GLY B 35 -3.97 -23.69 -13.64
N LEU B 36 -3.30 -22.86 -14.43
CA LEU B 36 -3.97 -21.75 -15.09
C LEU B 36 -5.17 -22.25 -15.89
N VAL B 37 -4.95 -23.28 -16.68
CA VAL B 37 -6.02 -23.84 -17.50
C VAL B 37 -7.19 -24.28 -16.62
N GLU B 38 -6.96 -25.32 -15.81
CA GLU B 38 -7.99 -25.85 -14.93
C GLU B 38 -8.85 -24.76 -14.32
N LYS B 39 -8.21 -23.82 -13.62
CA LYS B 39 -8.93 -22.74 -12.98
C LYS B 39 -9.80 -22.03 -13.99
N LEU B 40 -9.21 -21.63 -15.12
CA LEU B 40 -9.96 -20.94 -16.15
C LEU B 40 -11.23 -21.69 -16.52
N LYS B 41 -11.14 -23.02 -16.53
CA LYS B 41 -12.30 -23.82 -16.87
C LYS B 41 -13.40 -23.64 -15.83
N GLU B 42 -13.02 -23.69 -14.56
CA GLU B 42 -13.99 -23.52 -13.49
C GLU B 42 -14.86 -22.26 -13.68
N THR B 43 -14.44 -21.37 -14.57
CA THR B 43 -15.21 -20.15 -14.80
C THR B 43 -16.34 -20.35 -15.81
N GLU B 44 -17.05 -19.26 -16.10
CA GLU B 44 -18.17 -19.31 -17.04
C GLU B 44 -17.70 -19.27 -18.51
N TYR B 45 -16.39 -19.31 -18.72
CA TYR B 45 -15.82 -19.28 -20.07
C TYR B 45 -15.43 -20.65 -20.60
N ASN B 46 -15.54 -20.80 -21.91
CA ASN B 46 -15.18 -22.04 -22.60
C ASN B 46 -13.70 -21.92 -22.93
N VAL B 47 -12.89 -22.81 -22.36
CA VAL B 47 -11.46 -22.73 -22.57
C VAL B 47 -10.89 -23.87 -23.41
N ARG B 48 -9.85 -23.54 -24.19
CA ARG B 48 -9.18 -24.53 -25.04
C ARG B 48 -7.67 -24.23 -25.04
N ASP B 49 -6.86 -25.26 -24.92
CA ASP B 49 -5.41 -25.06 -24.93
C ASP B 49 -4.79 -25.40 -26.28
N HIS B 50 -4.27 -24.38 -26.95
CA HIS B 50 -3.63 -24.51 -28.26
C HIS B 50 -2.19 -25.03 -28.10
N GLY B 51 -1.80 -25.35 -26.86
CA GLY B 51 -0.44 -25.83 -26.63
C GLY B 51 0.55 -24.69 -26.82
N ASP B 52 1.85 -24.98 -26.78
CA ASP B 52 2.85 -23.93 -26.96
C ASP B 52 3.56 -23.94 -28.31
N LEU B 53 3.47 -22.81 -29.01
CA LEU B 53 4.13 -22.67 -30.31
C LEU B 53 5.58 -23.13 -30.22
N ALA B 54 6.15 -23.43 -31.38
CA ALA B 54 7.54 -23.84 -31.48
C ALA B 54 8.17 -22.73 -32.29
N PHE B 55 9.30 -22.23 -31.81
CA PHE B 55 9.95 -21.13 -32.51
C PHE B 55 11.28 -21.48 -33.16
N VAL B 56 11.22 -21.75 -34.46
CA VAL B 56 12.40 -22.08 -35.25
C VAL B 56 13.46 -21.00 -35.06
N ASP B 57 14.69 -21.41 -34.78
CA ASP B 57 15.76 -20.45 -34.55
C ASP B 57 16.51 -20.05 -35.83
N VAL B 58 16.44 -18.76 -36.17
CA VAL B 58 17.11 -18.24 -37.35
C VAL B 58 18.62 -18.33 -37.21
N PRO B 59 19.26 -19.24 -37.99
CA PRO B 59 20.72 -19.40 -37.92
C PRO B 59 21.45 -18.11 -38.27
N ASN B 60 22.56 -17.85 -37.58
CA ASN B 60 23.34 -16.65 -37.80
C ASN B 60 22.44 -15.41 -37.80
N ASP B 61 21.85 -15.11 -36.64
CA ASP B 61 21.00 -13.93 -36.51
C ASP B 61 21.91 -12.73 -36.27
N SER B 62 22.09 -11.91 -37.31
CA SER B 62 22.95 -10.73 -37.22
C SER B 62 22.25 -9.58 -36.51
N PRO B 63 22.96 -8.92 -35.58
CA PRO B 63 22.43 -7.78 -34.82
C PRO B 63 22.22 -6.49 -35.62
N PHE B 64 21.09 -6.37 -36.30
CA PHE B 64 20.77 -5.16 -37.09
C PHE B 64 21.09 -3.90 -36.26
N GLN B 65 22.33 -3.42 -36.38
CA GLN B 65 22.79 -2.26 -35.62
C GLN B 65 22.94 -2.76 -34.19
N ILE B 66 22.32 -2.08 -33.23
CA ILE B 66 22.38 -2.52 -31.84
C ILE B 66 21.29 -3.60 -31.65
N VAL B 67 20.09 -3.33 -32.19
CA VAL B 67 18.96 -4.25 -32.12
C VAL B 67 19.48 -5.68 -32.27
N LYS B 68 19.13 -6.56 -31.34
CA LYS B 68 19.63 -7.93 -31.42
C LYS B 68 18.61 -8.96 -31.86
N ASN B 69 19.13 -10.10 -32.32
CA ASN B 69 18.33 -11.24 -32.80
C ASN B 69 17.03 -10.84 -33.50
N PRO B 70 17.04 -9.74 -34.27
CA PRO B 70 15.83 -9.29 -34.96
C PRO B 70 15.09 -10.32 -35.82
N ARG B 71 15.83 -11.24 -36.41
CA ARG B 71 15.19 -12.23 -37.27
C ARG B 71 14.45 -13.31 -36.46
N SER B 72 15.06 -13.79 -35.38
CA SER B 72 14.42 -14.80 -34.55
C SER B 72 13.12 -14.19 -34.03
N VAL B 73 13.21 -12.94 -33.57
CA VAL B 73 12.08 -12.18 -33.03
C VAL B 73 11.09 -11.73 -34.11
N GLY B 74 11.47 -11.87 -35.37
CA GLY B 74 10.59 -11.49 -36.45
C GLY B 74 9.69 -12.63 -36.89
N LYS B 75 10.24 -13.83 -36.85
CA LYS B 75 9.47 -15.01 -37.26
C LYS B 75 8.59 -15.50 -36.13
N ALA B 76 9.09 -15.41 -34.90
CA ALA B 76 8.32 -15.84 -33.75
C ALA B 76 7.07 -14.97 -33.66
N ASN B 77 7.26 -13.66 -33.86
CA ASN B 77 6.15 -12.71 -33.80
C ASN B 77 5.21 -12.84 -34.99
N GLU B 78 5.77 -13.19 -36.16
CA GLU B 78 4.95 -13.36 -37.35
C GLU B 78 4.08 -14.60 -37.17
N GLN B 79 4.72 -15.71 -36.80
CA GLN B 79 4.02 -16.96 -36.58
C GLN B 79 2.89 -16.77 -35.57
N LEU B 80 3.17 -16.04 -34.48
CA LEU B 80 2.16 -15.81 -33.46
C LEU B 80 0.97 -15.06 -34.00
N ALA B 81 1.19 -13.83 -34.46
CA ALA B 81 0.11 -12.99 -35.01
C ALA B 81 -0.87 -13.83 -35.82
N ALA B 82 -0.34 -14.68 -36.68
CA ALA B 82 -1.16 -15.55 -37.52
C ALA B 82 -2.07 -16.42 -36.64
N VAL B 83 -1.47 -17.17 -35.72
CA VAL B 83 -2.24 -18.04 -34.84
C VAL B 83 -3.33 -17.26 -34.11
N VAL B 84 -3.01 -16.04 -33.72
CA VAL B 84 -3.96 -15.18 -33.01
C VAL B 84 -5.14 -14.80 -33.91
N ALA B 85 -4.83 -14.24 -35.08
CA ALA B 85 -5.84 -13.83 -36.03
C ALA B 85 -6.79 -14.99 -36.31
N GLU B 86 -6.21 -16.19 -36.27
CA GLU B 86 -6.94 -17.42 -36.53
C GLU B 86 -8.08 -17.63 -35.55
N THR B 87 -7.74 -17.64 -34.27
CA THR B 87 -8.72 -17.83 -33.21
C THR B 87 -9.60 -16.59 -33.11
N GLN B 88 -9.00 -15.43 -33.36
CA GLN B 88 -9.73 -14.16 -33.32
C GLN B 88 -10.87 -14.23 -34.35
N LYS B 89 -10.61 -14.93 -35.45
CA LYS B 89 -11.56 -15.14 -36.53
C LYS B 89 -12.77 -15.92 -36.05
N ASN B 90 -12.50 -17.07 -35.40
CA ASN B 90 -13.54 -17.95 -34.85
C ASN B 90 -14.35 -17.29 -33.74
N GLY B 91 -13.92 -16.10 -33.32
CA GLY B 91 -14.62 -15.37 -32.27
C GLY B 91 -14.16 -15.62 -30.84
N THR B 92 -13.06 -16.37 -30.66
CA THR B 92 -12.57 -16.66 -29.31
C THR B 92 -11.60 -15.59 -28.78
N ILE B 93 -11.43 -15.52 -27.46
CA ILE B 93 -10.53 -14.55 -26.84
C ILE B 93 -9.13 -15.16 -26.67
N SER B 94 -8.12 -14.51 -27.25
CA SER B 94 -6.76 -15.02 -27.16
C SER B 94 -6.00 -14.58 -25.90
N VAL B 95 -5.47 -15.58 -25.19
CA VAL B 95 -4.71 -15.35 -23.97
C VAL B 95 -3.26 -15.79 -24.19
N VAL B 96 -2.42 -14.88 -24.67
CA VAL B 96 -1.02 -15.20 -24.90
C VAL B 96 -0.22 -15.26 -23.59
N LEU B 97 0.64 -16.27 -23.48
CA LEU B 97 1.49 -16.45 -22.30
C LEU B 97 2.95 -16.30 -22.72
N GLY B 98 3.65 -15.34 -22.14
CA GLY B 98 5.05 -15.15 -22.47
C GLY B 98 5.93 -15.97 -21.55
N GLY B 99 7.23 -16.04 -21.80
CA GLY B 99 7.84 -15.37 -22.94
C GLY B 99 7.95 -13.89 -22.69
N ASP B 100 9.04 -13.28 -23.13
CA ASP B 100 9.22 -11.85 -22.92
C ASP B 100 8.11 -11.02 -23.57
N HIS B 101 8.16 -9.72 -23.36
CA HIS B 101 7.12 -8.85 -23.87
C HIS B 101 7.21 -8.45 -25.35
N SER B 102 8.30 -8.80 -26.01
CA SER B 102 8.40 -8.43 -27.41
C SER B 102 7.46 -9.27 -28.27
N MET B 103 6.74 -10.20 -27.63
CA MET B 103 5.78 -11.05 -28.34
C MET B 103 4.48 -10.28 -28.49
N ALA B 104 4.50 -9.02 -28.08
CA ALA B 104 3.33 -8.19 -28.20
C ALA B 104 3.16 -7.90 -29.69
N ILE B 105 4.28 -7.64 -30.36
CA ILE B 105 4.26 -7.35 -31.79
C ILE B 105 3.40 -8.39 -32.47
N GLY B 106 3.66 -9.66 -32.16
CA GLY B 106 2.87 -10.71 -32.74
C GLY B 106 1.44 -10.59 -32.24
N SER B 107 1.20 -11.10 -31.02
CA SER B 107 -0.11 -11.09 -30.38
C SER B 107 -1.07 -9.97 -30.80
N ILE B 108 -0.59 -8.73 -30.76
CA ILE B 108 -1.45 -7.59 -31.12
C ILE B 108 -1.76 -7.49 -32.62
N SER B 109 -0.73 -7.63 -33.47
CA SER B 109 -0.93 -7.56 -34.92
C SER B 109 -1.99 -8.56 -35.38
N GLY B 110 -1.80 -9.83 -35.03
CA GLY B 110 -2.76 -10.84 -35.41
C GLY B 110 -4.14 -10.41 -34.98
N HIS B 111 -4.27 -10.06 -33.70
CA HIS B 111 -5.55 -9.62 -33.14
C HIS B 111 -6.13 -8.50 -34.01
N ALA B 112 -5.32 -7.47 -34.26
CA ALA B 112 -5.74 -6.31 -35.07
C ALA B 112 -6.44 -6.75 -36.34
N ARG B 113 -5.87 -7.76 -37.01
CA ARG B 113 -6.45 -8.28 -38.23
C ARG B 113 -7.96 -8.44 -38.11
N VAL B 114 -8.40 -9.30 -37.20
CA VAL B 114 -9.84 -9.54 -37.03
C VAL B 114 -10.60 -8.33 -36.47
N HIS B 115 -9.93 -7.48 -35.70
CA HIS B 115 -10.56 -6.28 -35.15
C HIS B 115 -9.57 -5.14 -35.21
N PRO B 116 -9.54 -4.38 -36.31
CA PRO B 116 -8.59 -3.27 -36.41
C PRO B 116 -9.07 -2.02 -35.69
N ASP B 117 -10.22 -2.13 -35.03
CA ASP B 117 -10.79 -1.01 -34.27
C ASP B 117 -10.41 -1.10 -32.79
N LEU B 118 -9.77 -2.21 -32.42
CA LEU B 118 -9.33 -2.49 -31.05
C LEU B 118 -8.51 -1.38 -30.40
N CYS B 119 -8.57 -1.34 -29.07
CA CYS B 119 -7.80 -0.38 -28.28
C CYS B 119 -6.93 -1.25 -27.38
N VAL B 120 -5.76 -0.72 -27.02
CA VAL B 120 -4.83 -1.45 -26.19
C VAL B 120 -4.56 -0.78 -24.85
N ILE B 121 -4.60 -1.57 -23.77
CA ILE B 121 -4.29 -1.07 -22.44
C ILE B 121 -2.98 -1.76 -22.03
N TRP B 122 -1.92 -0.97 -21.87
CA TRP B 122 -0.60 -1.49 -21.55
C TRP B 122 -0.17 -1.34 -20.09
N VAL B 123 -0.49 -2.34 -19.25
CA VAL B 123 -0.10 -2.29 -17.84
C VAL B 123 1.34 -2.79 -17.80
N ASP B 124 2.28 -1.87 -17.62
CA ASP B 124 3.68 -2.22 -17.62
C ASP B 124 4.44 -1.17 -16.83
N ALA B 125 5.62 -1.56 -16.33
CA ALA B 125 6.45 -0.62 -15.60
C ALA B 125 7.11 0.27 -16.65
N HIS B 126 7.43 -0.36 -17.79
CA HIS B 126 8.09 0.27 -18.93
C HIS B 126 7.13 0.50 -20.09
N THR B 127 7.49 1.43 -20.99
CA THR B 127 6.67 1.76 -22.16
C THR B 127 7.02 0.90 -23.39
N ASP B 128 8.27 0.45 -23.46
CA ASP B 128 8.74 -0.40 -24.55
C ASP B 128 8.46 0.22 -25.91
N ILE B 129 8.44 1.55 -25.93
CA ILE B 129 8.16 2.32 -27.15
C ILE B 129 9.42 2.85 -27.85
N ASN B 130 10.57 2.28 -27.53
CA ASN B 130 11.82 2.68 -28.18
C ASN B 130 11.81 2.14 -29.59
N THR B 131 12.52 2.81 -30.49
CA THR B 131 12.63 2.37 -31.86
C THR B 131 14.07 1.88 -31.97
N PRO B 132 14.42 1.25 -33.10
CA PRO B 132 15.82 0.78 -33.20
C PRO B 132 16.78 1.97 -33.13
N LEU B 133 16.20 3.17 -33.17
CA LEU B 133 16.97 4.42 -33.15
C LEU B 133 17.14 5.05 -31.77
N THR B 134 16.51 4.47 -30.76
CA THR B 134 16.59 5.02 -29.41
C THR B 134 17.24 4.05 -28.41
N THR B 135 16.80 2.80 -28.43
CA THR B 135 17.31 1.76 -27.54
C THR B 135 18.78 1.88 -27.20
N SER B 136 19.12 1.46 -25.99
CA SER B 136 20.50 1.47 -25.53
C SER B 136 20.89 0.02 -25.44
N SER B 137 19.97 -0.83 -25.85
CA SER B 137 20.15 -2.28 -25.86
C SER B 137 19.39 -2.78 -27.08
N GLY B 138 19.81 -3.92 -27.61
CA GLY B 138 19.12 -4.46 -28.77
C GLY B 138 17.80 -5.05 -28.34
N ASN B 139 17.64 -5.23 -27.03
CA ASN B 139 16.44 -5.82 -26.45
C ASN B 139 15.16 -5.33 -27.11
N LEU B 140 14.63 -6.15 -28.00
CA LEU B 140 13.41 -5.79 -28.70
C LEU B 140 12.24 -5.77 -27.73
N HIS B 141 12.32 -6.57 -26.66
CA HIS B 141 11.22 -6.59 -25.71
C HIS B 141 10.96 -5.18 -25.16
N GLY B 142 11.82 -4.24 -25.56
CA GLY B 142 11.67 -2.87 -25.12
C GLY B 142 11.40 -1.96 -26.29
N GLN B 143 10.72 -2.48 -27.30
CA GLN B 143 10.40 -1.73 -28.51
C GLN B 143 9.05 -2.05 -29.15
N PRO B 144 8.42 -3.19 -28.78
CA PRO B 144 7.13 -3.58 -29.36
C PRO B 144 6.18 -2.50 -29.85
N VAL B 145 5.94 -1.48 -29.02
CA VAL B 145 5.00 -0.44 -29.43
C VAL B 145 5.47 0.31 -30.68
N ALA B 146 6.78 0.31 -30.92
CA ALA B 146 7.34 0.99 -32.09
C ALA B 146 6.88 0.33 -33.40
N PHE B 147 6.94 -0.99 -33.44
CA PHE B 147 6.54 -1.74 -34.62
C PHE B 147 5.04 -1.78 -34.83
N LEU B 148 4.29 -1.27 -33.86
CA LEU B 148 2.84 -1.31 -33.96
C LEU B 148 2.23 0.08 -34.16
N LEU B 149 2.95 1.09 -33.72
CA LEU B 149 2.47 2.45 -33.85
C LEU B 149 2.60 2.94 -35.29
N LYS B 150 1.51 3.52 -35.79
CA LYS B 150 1.50 4.06 -37.14
C LYS B 150 2.30 5.36 -37.17
N GLU B 151 2.06 6.22 -36.18
CA GLU B 151 2.76 7.49 -36.09
C GLU B 151 4.26 7.30 -35.97
N LEU B 152 4.70 6.05 -35.97
CA LEU B 152 6.13 5.78 -35.86
C LEU B 152 6.56 4.89 -37.00
N LYS B 153 5.68 4.73 -37.97
CA LYS B 153 5.95 3.90 -39.15
C LYS B 153 7.00 4.56 -40.04
N GLY B 154 8.02 3.80 -40.40
CA GLY B 154 9.07 4.33 -41.24
C GLY B 154 10.01 5.26 -40.50
N LYS B 155 9.63 5.65 -39.29
CA LYS B 155 10.45 6.54 -38.49
C LYS B 155 11.81 5.90 -38.11
N PHE B 156 12.01 4.67 -38.55
CA PHE B 156 13.25 3.94 -38.29
C PHE B 156 13.53 2.92 -39.40
N PRO B 157 14.82 2.59 -39.62
CA PRO B 157 15.20 1.62 -40.67
C PRO B 157 14.48 0.29 -40.55
N ASP B 158 13.88 -0.16 -41.66
CA ASP B 158 13.18 -1.44 -41.68
C ASP B 158 14.05 -2.46 -40.98
N VAL B 159 13.43 -3.32 -40.19
CA VAL B 159 14.20 -4.31 -39.45
C VAL B 159 14.07 -5.72 -39.99
N PRO B 160 15.22 -6.40 -40.14
CA PRO B 160 15.29 -7.77 -40.64
C PRO B 160 14.33 -8.72 -39.92
N GLY B 161 13.35 -9.24 -40.63
CA GLY B 161 12.41 -10.17 -40.04
C GLY B 161 11.06 -9.61 -39.63
N PHE B 162 10.94 -8.29 -39.61
CA PHE B 162 9.69 -7.67 -39.22
C PHE B 162 8.92 -7.12 -40.40
N SER B 163 9.57 -7.09 -41.56
CA SER B 163 8.96 -6.59 -42.79
C SER B 163 7.47 -6.92 -42.89
N TRP B 164 7.07 -8.07 -42.36
CA TRP B 164 5.69 -8.54 -42.38
C TRP B 164 4.68 -7.76 -41.52
N VAL B 165 5.18 -6.91 -40.62
CA VAL B 165 4.28 -6.15 -39.74
C VAL B 165 3.73 -4.87 -40.34
N THR B 166 2.46 -4.62 -40.04
CA THR B 166 1.74 -3.45 -40.52
C THR B 166 1.28 -2.63 -39.33
N PRO B 167 1.86 -1.44 -39.13
CA PRO B 167 1.46 -0.59 -38.00
C PRO B 167 -0.08 -0.55 -37.89
N CYS B 168 -0.61 -1.24 -36.89
CA CYS B 168 -2.05 -1.37 -36.70
C CYS B 168 -2.80 -0.41 -35.77
N ILE B 169 -2.11 0.34 -34.93
CA ILE B 169 -2.83 1.26 -34.05
C ILE B 169 -2.13 2.61 -33.89
N SER B 170 -2.93 3.62 -33.60
CA SER B 170 -2.43 4.98 -33.43
C SER B 170 -2.34 5.37 -31.95
N ALA B 171 -1.48 6.35 -31.67
CA ALA B 171 -1.26 6.84 -30.32
C ALA B 171 -2.52 7.33 -29.61
N LYS B 172 -3.69 7.15 -30.23
CA LYS B 172 -4.92 7.59 -29.60
C LYS B 172 -5.79 6.40 -29.22
N ASP B 173 -5.29 5.20 -29.46
CA ASP B 173 -6.05 3.99 -29.15
C ASP B 173 -5.34 3.13 -28.11
N ILE B 174 -4.22 3.65 -27.59
CA ILE B 174 -3.42 2.96 -26.59
C ILE B 174 -3.36 3.74 -25.29
N VAL B 175 -3.29 3.02 -24.17
CA VAL B 175 -3.18 3.67 -22.87
C VAL B 175 -2.24 2.90 -21.93
N TYR B 176 -1.29 3.63 -21.35
CA TYR B 176 -0.32 3.04 -20.45
C TYR B 176 -0.76 3.19 -19.01
N ILE B 177 -0.50 2.15 -18.22
CA ILE B 177 -0.81 2.18 -16.80
C ILE B 177 0.30 1.48 -16.07
N GLY B 178 1.01 2.21 -15.21
CA GLY B 178 2.07 1.62 -14.41
C GLY B 178 3.48 2.07 -14.69
N LEU B 179 3.62 2.97 -15.66
CA LEU B 179 4.95 3.48 -16.05
C LEU B 179 5.74 4.08 -14.89
N ARG B 180 7.01 3.69 -14.80
CA ARG B 180 7.84 4.21 -13.74
C ARG B 180 9.33 4.15 -14.03
N ASP B 181 9.72 3.68 -15.21
CA ASP B 181 11.13 3.60 -15.59
C ASP B 181 11.27 3.80 -17.09
N VAL B 182 11.08 5.06 -17.49
CA VAL B 182 11.11 5.49 -18.88
C VAL B 182 12.41 6.10 -19.36
N ASP B 183 12.88 5.61 -20.50
CA ASP B 183 14.10 6.08 -21.14
C ASP B 183 13.84 7.42 -21.80
N PRO B 184 14.85 8.32 -21.78
CA PRO B 184 14.73 9.64 -22.39
C PRO B 184 13.98 9.58 -23.71
N GLY B 185 14.54 8.83 -24.66
CA GLY B 185 13.91 8.70 -25.96
C GLY B 185 12.43 8.40 -25.86
N GLU B 186 12.10 7.32 -25.17
CA GLU B 186 10.71 6.94 -25.00
C GLU B 186 9.87 8.10 -24.49
N HIS B 187 10.38 8.83 -23.49
CA HIS B 187 9.61 9.94 -22.93
C HIS B 187 9.28 11.00 -23.98
N TYR B 188 10.27 11.26 -24.83
CA TYR B 188 10.16 12.23 -25.94
C TYR B 188 8.98 11.78 -26.80
N ILE B 189 9.14 10.61 -27.40
CA ILE B 189 8.14 10.02 -28.28
C ILE B 189 6.72 9.98 -27.72
N ILE B 190 6.56 9.59 -26.45
CA ILE B 190 5.24 9.51 -25.83
C ILE B 190 4.60 10.88 -25.61
N LYS B 191 5.45 11.87 -25.39
CA LYS B 191 4.98 13.24 -25.18
C LYS B 191 4.65 13.84 -26.54
N THR B 192 5.59 13.68 -27.47
CA THR B 192 5.44 14.17 -28.82
C THR B 192 4.16 13.62 -29.44
N LEU B 193 4.08 12.30 -29.54
CA LEU B 193 2.91 11.63 -30.13
C LEU B 193 1.69 11.70 -29.21
N GLY B 194 1.71 12.64 -28.28
CA GLY B 194 0.59 12.81 -27.35
C GLY B 194 -0.17 11.54 -27.00
N ILE B 195 0.52 10.62 -26.33
CA ILE B 195 -0.07 9.35 -25.90
C ILE B 195 -0.69 9.51 -24.52
N LYS B 196 -1.74 8.75 -24.25
CA LYS B 196 -2.41 8.83 -22.95
C LYS B 196 -1.88 7.76 -21.98
N TYR B 197 -1.30 8.23 -20.88
CA TYR B 197 -0.76 7.31 -19.89
C TYR B 197 -1.15 7.62 -18.45
N PHE B 198 -0.73 6.73 -17.58
CA PHE B 198 -0.98 6.87 -16.16
C PHE B 198 0.26 6.29 -15.50
N SER B 199 1.22 7.16 -15.24
CA SER B 199 2.45 6.73 -14.60
C SER B 199 2.09 6.52 -13.14
N MET B 200 2.97 5.83 -12.43
CA MET B 200 2.75 5.60 -11.01
C MET B 200 2.32 6.90 -10.32
N THR B 201 2.93 8.02 -10.71
CA THR B 201 2.57 9.28 -10.08
C THR B 201 1.09 9.58 -10.30
N GLU B 202 0.56 9.31 -11.50
CA GLU B 202 -0.87 9.56 -11.76
C GLU B 202 -1.75 8.65 -10.93
N VAL B 203 -1.39 7.37 -10.92
CA VAL B 203 -2.15 6.40 -10.14
C VAL B 203 -2.08 6.93 -8.71
N ASP B 204 -0.86 7.22 -8.28
CA ASP B 204 -0.65 7.72 -6.94
C ASP B 204 -1.67 8.81 -6.64
N LYS B 205 -1.71 9.79 -7.51
CA LYS B 205 -2.61 10.93 -7.38
C LYS B 205 -4.09 10.60 -7.49
N LEU B 206 -4.52 10.10 -8.65
CA LEU B 206 -5.94 9.80 -8.89
C LEU B 206 -6.53 8.61 -8.16
N GLY B 207 -5.79 7.51 -8.13
CA GLY B 207 -6.29 6.31 -7.47
C GLY B 207 -6.74 5.32 -8.54
N ILE B 208 -6.22 4.10 -8.49
CA ILE B 208 -6.55 3.11 -9.51
C ILE B 208 -8.02 3.18 -9.90
N GLY B 209 -8.87 3.59 -8.96
CA GLY B 209 -10.30 3.70 -9.25
C GLY B 209 -10.59 4.61 -10.44
N LYS B 210 -10.16 5.86 -10.31
CA LYS B 210 -10.35 6.88 -11.34
C LYS B 210 -9.56 6.52 -12.61
N VAL B 211 -8.34 6.03 -12.45
CA VAL B 211 -7.52 5.66 -13.59
C VAL B 211 -8.32 4.87 -14.62
N MET B 212 -8.87 3.74 -14.19
CA MET B 212 -9.67 2.91 -15.09
C MET B 212 -10.83 3.73 -15.65
N GLU B 213 -11.61 4.26 -14.72
CA GLU B 213 -12.77 5.12 -14.99
C GLU B 213 -12.47 5.99 -16.21
N GLU B 214 -11.34 6.69 -16.19
CA GLU B 214 -10.94 7.54 -17.29
C GLU B 214 -10.46 6.74 -18.49
N THR B 215 -9.41 5.94 -18.31
CA THR B 215 -8.88 5.15 -19.42
C THR B 215 -10.03 4.53 -20.23
N PHE B 216 -11.12 4.19 -19.54
CA PHE B 216 -12.26 3.64 -20.26
C PHE B 216 -12.88 4.73 -21.11
N SER B 217 -13.60 5.67 -20.50
CA SER B 217 -14.23 6.73 -21.29
C SER B 217 -13.25 7.23 -22.37
N TYR B 218 -11.98 7.42 -22.04
CA TYR B 218 -11.01 7.89 -23.03
C TYR B 218 -10.88 6.97 -24.24
N LEU B 219 -11.07 5.67 -24.04
CA LEU B 219 -10.95 4.70 -25.13
C LEU B 219 -12.29 4.15 -25.62
N LEU B 220 -13.32 4.30 -24.80
CA LEU B 220 -14.64 3.81 -25.14
C LEU B 220 -15.70 4.86 -24.84
N GLY B 221 -15.35 6.12 -25.05
CA GLY B 221 -16.30 7.19 -24.80
C GLY B 221 -17.33 7.21 -25.92
N ARG B 222 -16.83 7.31 -27.15
CA ARG B 222 -17.67 7.34 -28.34
C ARG B 222 -18.14 5.92 -28.68
N LYS B 223 -17.37 5.26 -29.54
CA LYS B 223 -17.66 3.91 -29.99
C LYS B 223 -16.98 2.83 -29.14
N LYS B 224 -17.78 1.90 -28.61
CA LYS B 224 -17.27 0.80 -27.79
C LYS B 224 -16.55 -0.22 -28.67
N ARG B 225 -15.23 -0.31 -28.54
CA ARG B 225 -14.46 -1.27 -29.33
C ARG B 225 -13.99 -2.49 -28.53
N PRO B 226 -13.13 -3.34 -29.13
CA PRO B 226 -12.64 -4.51 -28.40
C PRO B 226 -11.40 -4.08 -27.65
N ILE B 227 -11.08 -4.77 -26.55
CA ILE B 227 -9.92 -4.42 -25.76
C ILE B 227 -8.82 -5.47 -25.77
N HIS B 228 -7.60 -5.00 -25.91
CA HIS B 228 -6.45 -5.88 -25.89
C HIS B 228 -5.64 -5.48 -24.66
N LEU B 229 -5.59 -6.36 -23.67
CA LEU B 229 -4.85 -6.07 -22.44
C LEU B 229 -3.47 -6.72 -22.46
N SER B 230 -2.44 -5.88 -22.57
CA SER B 230 -1.08 -6.38 -22.57
C SER B 230 -0.57 -6.11 -21.13
N PHE B 231 -0.50 -7.18 -20.33
CA PHE B 231 -0.09 -7.02 -18.94
C PHE B 231 1.32 -7.47 -18.70
N ASP B 232 2.19 -6.54 -18.33
CA ASP B 232 3.57 -6.91 -18.06
C ASP B 232 3.71 -7.14 -16.57
N VAL B 233 3.97 -8.38 -16.17
CA VAL B 233 4.10 -8.71 -14.76
C VAL B 233 5.13 -7.86 -13.99
N ASP B 234 6.02 -7.17 -14.69
CA ASP B 234 6.95 -6.34 -13.94
C ASP B 234 6.17 -5.11 -13.47
N GLY B 235 5.02 -4.89 -14.10
CA GLY B 235 4.16 -3.76 -13.77
C GLY B 235 3.62 -3.67 -12.34
N LEU B 236 3.47 -4.79 -11.65
CA LEU B 236 3.05 -4.71 -10.25
C LEU B 236 4.37 -4.44 -9.57
N ASP B 237 4.36 -4.08 -8.29
CA ASP B 237 5.62 -3.83 -7.61
C ASP B 237 6.45 -5.15 -7.43
N PRO B 238 7.79 -5.04 -7.38
CA PRO B 238 8.67 -6.20 -7.20
C PRO B 238 8.38 -7.11 -6.00
N VAL B 239 7.73 -6.58 -4.96
CA VAL B 239 7.35 -7.40 -3.81
C VAL B 239 6.36 -8.48 -4.29
N PHE B 240 5.36 -8.07 -5.06
CA PHE B 240 4.32 -8.97 -5.56
C PHE B 240 4.61 -9.86 -6.77
N THR B 241 5.46 -9.42 -7.68
CA THR B 241 5.82 -10.23 -8.85
C THR B 241 7.30 -10.05 -9.06
N PRO B 242 8.10 -10.52 -8.09
CA PRO B 242 9.56 -10.45 -8.07
C PRO B 242 10.31 -11.18 -9.16
N ALA B 243 9.79 -12.32 -9.63
CA ALA B 243 10.47 -13.09 -10.67
C ALA B 243 10.34 -12.50 -12.05
N THR B 244 11.07 -11.42 -12.34
CA THR B 244 11.00 -10.82 -13.68
C THR B 244 12.34 -10.35 -14.17
N GLY B 245 12.33 -9.86 -15.41
CA GLY B 245 13.53 -9.36 -16.05
C GLY B 245 13.96 -8.08 -15.38
N THR B 246 13.04 -7.14 -15.25
CA THR B 246 13.40 -5.88 -14.64
C THR B 246 12.60 -5.42 -13.44
N PRO B 247 12.95 -5.88 -12.24
CA PRO B 247 12.14 -5.36 -11.14
C PRO B 247 12.35 -3.85 -11.14
N VAL B 248 11.31 -3.11 -10.77
CA VAL B 248 11.37 -1.65 -10.73
C VAL B 248 10.45 -1.21 -9.58
N VAL B 249 11.04 -0.78 -8.48
CA VAL B 249 10.28 -0.43 -7.29
C VAL B 249 9.21 0.67 -7.31
N GLY B 250 8.22 0.52 -6.42
CA GLY B 250 7.18 1.51 -6.31
C GLY B 250 6.14 1.43 -7.39
N GLY B 251 5.81 0.20 -7.76
CA GLY B 251 4.82 -0.06 -8.80
C GLY B 251 3.44 -0.45 -8.30
N LEU B 252 2.57 -0.75 -9.28
CA LEU B 252 1.19 -1.17 -9.03
C LEU B 252 1.20 -2.24 -7.96
N SER B 253 0.18 -2.27 -7.11
CA SER B 253 0.11 -3.28 -6.07
C SER B 253 -0.78 -4.47 -6.47
N TYR B 254 -0.56 -5.63 -5.85
CA TYR B 254 -1.38 -6.83 -6.15
C TYR B 254 -2.87 -6.50 -6.20
N ARG B 255 -3.31 -5.61 -5.31
CA ARG B 255 -4.72 -5.19 -5.27
C ARG B 255 -5.09 -4.36 -6.51
N GLU B 256 -4.37 -3.26 -6.73
CA GLU B 256 -4.62 -2.44 -7.89
C GLU B 256 -4.50 -3.32 -9.12
N GLY B 257 -3.63 -4.33 -9.03
CA GLY B 257 -3.43 -5.20 -10.17
C GLY B 257 -4.72 -5.92 -10.46
N LEU B 258 -5.37 -6.37 -9.40
CA LEU B 258 -6.61 -7.07 -9.57
C LEU B 258 -7.74 -6.07 -9.75
N TYR B 259 -7.53 -4.82 -9.35
CA TYR B 259 -8.63 -3.89 -9.56
C TYR B 259 -8.70 -3.59 -11.04
N ILE B 260 -7.57 -3.66 -11.72
CA ILE B 260 -7.57 -3.38 -13.15
C ILE B 260 -8.16 -4.56 -13.89
N THR B 261 -7.52 -5.71 -13.83
CA THR B 261 -8.06 -6.86 -14.55
C THR B 261 -9.58 -6.97 -14.31
N GLU B 262 -10.01 -6.62 -13.09
CA GLU B 262 -11.41 -6.65 -12.68
C GLU B 262 -12.36 -5.70 -13.41
N GLU B 263 -12.02 -4.41 -13.47
CA GLU B 263 -12.87 -3.46 -14.18
C GLU B 263 -12.87 -3.74 -15.68
N ILE B 264 -11.80 -4.32 -16.20
CA ILE B 264 -11.75 -4.63 -17.62
C ILE B 264 -12.75 -5.76 -17.92
N TYR B 265 -12.80 -6.74 -17.02
CA TYR B 265 -13.72 -7.86 -17.21
C TYR B 265 -15.15 -7.36 -17.21
N LYS B 266 -15.44 -6.43 -16.30
CA LYS B 266 -16.78 -5.87 -16.19
C LYS B 266 -17.25 -5.09 -17.43
N THR B 267 -16.32 -4.65 -18.29
CA THR B 267 -16.74 -3.92 -19.49
C THR B 267 -17.23 -4.90 -20.56
N GLY B 268 -16.95 -6.19 -20.34
CA GLY B 268 -17.37 -7.21 -21.28
C GLY B 268 -16.74 -7.07 -22.66
N LEU B 269 -15.71 -6.24 -22.77
CA LEU B 269 -15.07 -6.04 -24.06
C LEU B 269 -13.69 -6.68 -24.23
N LEU B 270 -13.37 -7.68 -23.42
CA LEU B 270 -12.07 -8.32 -23.53
C LEU B 270 -12.02 -9.20 -24.75
N SER B 271 -10.93 -9.09 -25.51
CA SER B 271 -10.77 -9.88 -26.73
C SER B 271 -9.41 -10.56 -26.81
N GLY B 272 -8.42 -9.93 -26.21
CA GLY B 272 -7.07 -10.49 -26.22
C GLY B 272 -6.33 -10.12 -24.94
N LEU B 273 -5.57 -11.06 -24.40
CA LEU B 273 -4.84 -10.80 -23.17
C LEU B 273 -3.39 -11.24 -23.31
N ASP B 274 -2.51 -10.55 -22.60
CA ASP B 274 -1.08 -10.86 -22.60
C ASP B 274 -0.55 -10.94 -21.16
N ILE B 275 -0.10 -12.13 -20.78
CA ILE B 275 0.48 -12.38 -19.47
C ILE B 275 1.96 -12.63 -19.77
N MET B 276 2.70 -11.54 -19.90
CA MET B 276 4.10 -11.60 -20.27
C MET B 276 5.11 -11.38 -19.15
N GLU B 277 6.36 -11.67 -19.50
CA GLU B 277 7.55 -11.51 -18.67
C GLU B 277 7.83 -12.36 -17.43
N VAL B 278 6.94 -13.30 -17.11
CA VAL B 278 7.18 -14.16 -15.94
C VAL B 278 8.40 -15.06 -16.16
N ASN B 279 9.46 -14.86 -15.38
CA ASN B 279 10.70 -15.65 -15.54
C ASN B 279 10.98 -16.59 -14.37
N PRO B 280 10.33 -17.76 -14.34
CA PRO B 280 10.43 -18.79 -13.32
C PRO B 280 11.82 -19.15 -12.86
N THR B 281 12.82 -18.50 -13.42
CA THR B 281 14.19 -18.81 -13.02
C THR B 281 14.80 -17.68 -12.21
N LEU B 282 14.16 -16.52 -12.27
CA LEU B 282 14.69 -15.35 -11.58
C LEU B 282 14.16 -15.11 -10.16
N GLY B 283 13.81 -16.16 -9.44
CA GLY B 283 13.33 -15.96 -8.09
C GLY B 283 14.41 -16.17 -7.05
N LYS B 284 14.67 -15.15 -6.22
CA LYS B 284 15.68 -15.24 -5.14
C LYS B 284 15.44 -16.42 -4.20
N THR B 285 14.24 -16.97 -4.25
CA THR B 285 13.85 -18.12 -3.45
C THR B 285 12.64 -18.70 -4.16
N PRO B 286 12.39 -20.01 -3.97
CA PRO B 286 11.24 -20.65 -4.61
C PRO B 286 9.99 -19.81 -4.43
N GLU B 287 9.67 -19.52 -3.18
CA GLU B 287 8.50 -18.72 -2.83
C GLU B 287 8.28 -17.55 -3.80
N GLU B 288 9.35 -16.79 -4.05
CA GLU B 288 9.26 -15.65 -4.94
C GLU B 288 8.75 -16.08 -6.31
N VAL B 289 9.37 -17.07 -6.93
CA VAL B 289 8.86 -17.50 -8.23
C VAL B 289 7.37 -17.85 -8.08
N THR B 290 7.03 -18.55 -7.01
CA THR B 290 5.65 -18.97 -6.75
C THR B 290 4.69 -17.80 -6.55
N ARG B 291 5.13 -16.77 -5.85
CA ARG B 291 4.29 -15.59 -5.64
C ARG B 291 3.97 -15.10 -7.05
N THR B 292 5.03 -14.78 -7.79
CA THR B 292 4.92 -14.30 -9.15
C THR B 292 3.89 -15.07 -9.94
N VAL B 293 4.22 -16.31 -10.25
CA VAL B 293 3.30 -17.17 -11.01
C VAL B 293 1.85 -17.06 -10.55
N ASN B 294 1.62 -17.21 -9.25
CA ASN B 294 0.27 -17.13 -8.72
C ASN B 294 -0.44 -15.79 -8.97
N THR B 295 0.19 -14.69 -8.59
CA THR B 295 -0.45 -13.40 -8.79
C THR B 295 -0.66 -13.21 -10.28
N ALA B 296 0.16 -13.88 -11.08
CA ALA B 296 0.03 -13.81 -12.53
C ALA B 296 -1.24 -14.58 -12.92
N VAL B 297 -1.33 -15.81 -12.44
CA VAL B 297 -2.50 -16.62 -12.72
C VAL B 297 -3.76 -15.90 -12.26
N ALA B 298 -3.78 -15.46 -11.00
CA ALA B 298 -4.94 -14.79 -10.45
C ALA B 298 -5.35 -13.55 -11.25
N LEU B 299 -4.37 -12.92 -11.89
CA LEU B 299 -4.64 -11.73 -12.69
C LEU B 299 -5.46 -12.16 -13.89
N THR B 300 -5.08 -13.28 -14.49
CA THR B 300 -5.78 -13.81 -15.65
C THR B 300 -7.22 -14.16 -15.30
N LEU B 301 -7.41 -15.14 -14.43
CA LEU B 301 -8.75 -15.55 -14.01
C LEU B 301 -9.59 -14.32 -13.66
N SER B 302 -8.91 -13.27 -13.25
CA SER B 302 -9.59 -12.03 -12.91
C SER B 302 -10.21 -11.54 -14.21
N CYS B 303 -9.37 -11.34 -15.22
CA CYS B 303 -9.81 -10.90 -16.53
C CYS B 303 -11.04 -11.67 -17.01
N PHE B 304 -11.11 -12.94 -16.63
CA PHE B 304 -12.21 -13.80 -17.06
C PHE B 304 -13.28 -14.12 -16.02
N GLY B 305 -13.68 -13.15 -15.19
CA GLY B 305 -14.73 -13.45 -14.25
C GLY B 305 -14.52 -13.28 -12.76
N THR B 306 -13.75 -14.18 -12.15
CA THR B 306 -13.48 -14.16 -10.71
C THR B 306 -13.42 -12.78 -10.06
N LYS B 307 -14.37 -12.49 -9.17
CA LYS B 307 -14.41 -11.20 -8.47
C LYS B 307 -13.98 -11.47 -7.04
N ARG B 308 -13.30 -10.52 -6.43
CA ARG B 308 -12.87 -10.71 -5.05
C ARG B 308 -14.05 -10.75 -4.08
N GLU B 309 -15.21 -10.39 -4.58
CA GLU B 309 -16.39 -10.43 -3.73
C GLU B 309 -16.99 -11.84 -3.70
N GLY B 310 -16.71 -12.57 -4.78
CA GLY B 310 -17.21 -13.93 -4.88
C GLY B 310 -18.00 -14.22 -6.15
N ASN B 311 -18.18 -15.50 -6.44
CA ASN B 311 -18.91 -15.90 -7.64
C ASN B 311 -19.84 -17.09 -7.34
N HIS B 312 -21.10 -16.97 -7.74
CA HIS B 312 -22.08 -18.04 -7.55
C HIS B 312 -22.71 -18.38 -8.91
N LYS B 313 -22.70 -19.65 -9.26
CA LYS B 313 -23.27 -20.09 -10.53
C LYS B 313 -24.76 -19.82 -10.56
N PRO B 314 -25.22 -19.02 -11.53
CA PRO B 314 -26.63 -18.64 -11.69
C PRO B 314 -27.61 -19.81 -11.76
N GLU B 315 -28.88 -19.48 -11.53
CA GLU B 315 -29.98 -20.44 -11.58
C GLU B 315 -30.02 -21.39 -10.39
N THR B 316 -28.86 -21.79 -9.89
CA THR B 316 -28.81 -22.72 -8.75
C THR B 316 -29.14 -22.03 -7.43
N ASP B 317 -29.93 -22.73 -6.61
CA ASP B 317 -30.34 -22.25 -5.29
C ASP B 317 -29.45 -22.96 -4.27
N TYR B 318 -28.44 -22.25 -3.79
CA TYR B 318 -27.50 -22.81 -2.82
C TYR B 318 -28.17 -23.00 -1.46
N LEU B 319 -29.32 -22.38 -1.28
CA LEU B 319 -30.09 -22.51 -0.03
C LEU B 319 -30.87 -23.83 0.01
N LYS C 6 -17.29 6.80 30.36
CA LYS C 6 -17.84 5.49 29.87
C LYS C 6 -16.94 4.33 30.32
N PRO C 7 -17.52 3.13 30.52
CA PRO C 7 -16.76 1.96 30.96
C PRO C 7 -16.46 0.94 29.87
N ILE C 8 -15.47 0.10 30.14
CA ILE C 8 -14.99 -0.93 29.22
C ILE C 8 -14.73 -2.23 29.97
N GLU C 9 -15.39 -3.31 29.58
CA GLU C 9 -15.15 -4.60 30.22
C GLU C 9 -14.59 -5.55 29.17
N ILE C 10 -13.42 -6.12 29.47
CA ILE C 10 -12.76 -7.08 28.57
C ILE C 10 -13.19 -8.49 28.92
N ILE C 11 -13.42 -9.30 27.90
CA ILE C 11 -13.83 -10.68 28.07
C ILE C 11 -13.00 -11.57 27.16
N GLY C 12 -12.44 -12.63 27.69
CA GLY C 12 -11.66 -13.53 26.86
C GLY C 12 -12.53 -14.72 26.52
N ALA C 13 -12.56 -15.12 25.25
CA ALA C 13 -13.36 -16.27 24.86
C ALA C 13 -12.46 -17.35 24.28
N PRO C 14 -11.35 -17.67 24.99
CA PRO C 14 -10.39 -18.70 24.54
C PRO C 14 -11.09 -19.95 24.03
N PHE C 15 -11.46 -19.92 22.77
CA PHE C 15 -12.20 -21.02 22.15
C PHE C 15 -11.57 -21.35 20.81
N SER C 16 -11.78 -22.57 20.32
CA SER C 16 -11.18 -22.93 19.04
C SER C 16 -11.95 -24.00 18.29
N LYS C 17 -13.02 -24.51 18.90
CA LYS C 17 -13.81 -25.56 18.24
C LYS C 17 -14.46 -25.08 16.95
N GLY C 18 -14.33 -23.78 16.65
CA GLY C 18 -14.91 -23.24 15.43
C GLY C 18 -14.22 -23.75 14.18
N GLN C 19 -12.89 -23.86 14.24
CA GLN C 19 -12.09 -24.31 13.11
C GLN C 19 -11.06 -25.38 13.55
N PRO C 20 -10.46 -26.07 12.58
CA PRO C 20 -9.46 -27.14 12.81
C PRO C 20 -8.03 -26.82 13.26
N ARG C 21 -7.68 -25.54 13.43
CA ARG C 21 -6.31 -25.21 13.83
C ARG C 21 -6.14 -24.84 15.30
N GLY C 22 -5.24 -25.56 15.97
CA GLY C 22 -5.00 -25.33 17.38
C GLY C 22 -4.17 -24.12 17.71
N GLY C 23 -4.70 -23.27 18.59
CA GLY C 23 -3.98 -22.08 18.99
C GLY C 23 -4.87 -20.91 19.32
N VAL C 24 -5.82 -20.63 18.44
CA VAL C 24 -6.73 -19.51 18.64
C VAL C 24 -7.19 -19.28 20.08
N GLU C 25 -7.31 -20.35 20.87
CA GLU C 25 -7.75 -20.19 22.25
C GLU C 25 -6.67 -19.48 23.07
N LYS C 26 -5.41 -19.65 22.64
CA LYS C 26 -4.28 -18.98 23.29
C LYS C 26 -4.37 -17.49 22.95
N GLY C 27 -5.34 -17.16 22.10
CA GLY C 27 -5.55 -15.80 21.65
C GLY C 27 -5.52 -14.69 22.68
N PRO C 28 -6.59 -14.53 23.46
CA PRO C 28 -6.69 -13.49 24.48
C PRO C 28 -5.51 -13.53 25.46
N ALA C 29 -4.89 -14.69 25.58
CA ALA C 29 -3.74 -14.84 26.46
C ALA C 29 -2.64 -13.90 26.00
N ALA C 30 -2.26 -14.02 24.73
CA ALA C 30 -1.21 -13.17 24.17
C ALA C 30 -1.62 -11.70 24.14
N LEU C 31 -2.86 -11.44 23.72
CA LEU C 31 -3.35 -10.07 23.65
C LEU C 31 -3.15 -9.35 24.98
N ARG C 32 -3.39 -10.06 26.08
CA ARG C 32 -3.22 -9.46 27.39
C ARG C 32 -1.72 -9.35 27.69
N LYS C 33 -1.02 -10.44 27.41
CA LYS C 33 0.41 -10.55 27.61
C LYS C 33 1.16 -9.50 26.80
N ALA C 34 0.41 -8.70 26.05
CA ALA C 34 1.01 -7.66 25.24
C ALA C 34 0.72 -6.34 25.93
N GLY C 35 -0.13 -6.42 26.94
CA GLY C 35 -0.48 -5.24 27.71
C GLY C 35 -1.72 -4.55 27.19
N LEU C 36 -2.61 -5.31 26.58
CA LEU C 36 -3.85 -4.74 26.06
C LEU C 36 -4.59 -3.97 27.14
N VAL C 37 -4.74 -4.60 28.30
CA VAL C 37 -5.44 -3.97 29.41
C VAL C 37 -4.77 -2.66 29.78
N GLU C 38 -3.55 -2.75 30.32
CA GLU C 38 -2.79 -1.57 30.73
C GLU C 38 -2.98 -0.41 29.78
N LYS C 39 -2.65 -0.63 28.52
CA LYS C 39 -2.77 0.42 27.53
C LYS C 39 -4.17 1.00 27.53
N LEU C 40 -5.17 0.13 27.45
CA LEU C 40 -6.55 0.59 27.47
C LEU C 40 -6.83 1.52 28.63
N LYS C 41 -6.21 1.24 29.76
CA LYS C 41 -6.40 2.07 30.93
C LYS C 41 -5.86 3.48 30.69
N GLU C 42 -4.65 3.55 30.13
CA GLU C 42 -4.05 4.84 29.84
C GLU C 42 -4.98 5.77 29.06
N THR C 43 -6.06 5.23 28.51
CA THR C 43 -7.00 6.04 27.73
C THR C 43 -8.04 6.72 28.62
N GLU C 44 -8.95 7.44 27.99
CA GLU C 44 -10.01 8.15 28.71
C GLU C 44 -11.17 7.24 29.11
N TYR C 45 -11.02 5.93 28.86
CA TYR C 45 -12.06 4.96 29.19
C TYR C 45 -11.80 4.21 30.50
N ASN C 46 -12.89 3.84 31.17
CA ASN C 46 -12.82 3.09 32.41
C ASN C 46 -12.80 1.62 32.02
N VAL C 47 -11.71 0.93 32.35
CA VAL C 47 -11.59 -0.47 31.96
C VAL C 47 -11.66 -1.45 33.10
N ARG C 48 -12.23 -2.62 32.84
CA ARG C 48 -12.35 -3.69 33.84
C ARG C 48 -12.12 -5.03 33.15
N ASP C 49 -11.37 -5.92 33.78
CA ASP C 49 -11.10 -7.23 33.20
C ASP C 49 -11.97 -8.32 33.84
N HIS C 50 -12.89 -8.87 33.06
CA HIS C 50 -13.79 -9.92 33.50
C HIS C 50 -13.07 -11.29 33.48
N GLY C 51 -11.78 -11.29 33.17
CA GLY C 51 -11.05 -12.54 33.12
C GLY C 51 -11.49 -13.36 31.91
N ASP C 52 -11.02 -14.59 31.77
CA ASP C 52 -11.41 -15.42 30.63
C ASP C 52 -12.40 -16.54 30.96
N LEU C 53 -13.55 -16.52 30.28
CA LEU C 53 -14.56 -17.54 30.47
C LEU C 53 -13.93 -18.93 30.43
N ALA C 54 -14.65 -19.90 30.98
CA ALA C 54 -14.21 -21.29 30.99
C ALA C 54 -15.26 -21.98 30.14
N PHE C 55 -14.83 -22.79 29.19
CA PHE C 55 -15.77 -23.47 28.31
C PHE C 55 -15.85 -24.97 28.49
N VAL C 56 -16.85 -25.39 29.25
CA VAL C 56 -17.10 -26.81 29.53
C VAL C 56 -17.18 -27.56 28.20
N ASP C 57 -16.46 -28.68 28.09
CA ASP C 57 -16.45 -29.45 26.86
C ASP C 57 -17.55 -30.51 26.80
N VAL C 58 -18.44 -30.36 25.82
CA VAL C 58 -19.54 -31.31 25.63
C VAL C 58 -19.02 -32.69 25.23
N PRO C 59 -19.11 -33.67 26.14
CA PRO C 59 -18.63 -35.04 25.84
C PRO C 59 -19.35 -35.63 24.64
N ASN C 60 -18.61 -36.39 23.83
CA ASN C 60 -19.16 -37.01 22.63
C ASN C 60 -19.94 -35.98 21.80
N ASP C 61 -19.23 -35.00 21.24
CA ASP C 61 -19.86 -33.98 20.41
C ASP C 61 -19.98 -34.58 19.01
N SER C 62 -21.21 -34.97 18.65
CA SER C 62 -21.47 -35.55 17.33
C SER C 62 -21.55 -34.49 16.25
N PRO C 63 -20.89 -34.73 15.10
CA PRO C 63 -20.88 -33.81 13.97
C PRO C 63 -22.21 -33.70 13.20
N PHE C 64 -23.11 -32.85 13.68
CA PHE C 64 -24.41 -32.64 13.02
C PHE C 64 -24.21 -32.47 11.51
N GLN C 65 -24.23 -33.58 10.77
CA GLN C 65 -24.00 -33.58 9.33
C GLN C 65 -22.51 -33.31 9.17
N ILE C 66 -22.14 -32.31 8.38
CA ILE C 66 -20.74 -31.95 8.21
C ILE C 66 -20.35 -31.05 9.40
N VAL C 67 -21.21 -30.08 9.70
CA VAL C 67 -21.00 -29.14 10.81
C VAL C 67 -20.36 -29.88 11.97
N LYS C 68 -19.24 -29.39 12.48
CA LYS C 68 -18.55 -30.08 13.57
C LYS C 68 -18.71 -29.44 14.93
N ASN C 69 -18.47 -30.25 15.96
CA ASN C 69 -18.54 -29.85 17.37
C ASN C 69 -19.63 -28.81 17.67
N PRO C 70 -20.79 -28.92 17.00
CA PRO C 70 -21.88 -27.96 17.22
C PRO C 70 -22.32 -27.72 18.66
N ARG C 71 -22.24 -28.74 19.49
CA ARG C 71 -22.66 -28.58 20.88
C ARG C 71 -21.66 -27.79 21.72
N SER C 72 -20.36 -28.08 21.54
CA SER C 72 -19.35 -27.35 22.29
C SER C 72 -19.49 -25.86 21.93
N VAL C 73 -19.63 -25.61 20.63
CA VAL C 73 -19.79 -24.26 20.07
C VAL C 73 -21.15 -23.63 20.37
N GLY C 74 -22.08 -24.44 20.88
CA GLY C 74 -23.40 -23.92 21.21
C GLY C 74 -23.46 -23.41 22.64
N LYS C 75 -22.76 -24.10 23.53
CA LYS C 75 -22.76 -23.70 24.93
C LYS C 75 -21.77 -22.56 25.16
N ALA C 76 -20.64 -22.61 24.47
CA ALA C 76 -19.63 -21.57 24.63
C ALA C 76 -20.25 -20.24 24.18
N ASN C 77 -20.97 -20.29 23.07
CA ASN C 77 -21.62 -19.10 22.52
C ASN C 77 -22.80 -18.65 23.36
N GLU C 78 -23.52 -19.60 23.95
CA GLU C 78 -24.65 -19.27 24.81
C GLU C 78 -24.13 -18.59 26.08
N GLN C 79 -23.17 -19.23 26.72
CA GLN C 79 -22.56 -18.70 27.93
C GLN C 79 -22.06 -17.28 27.69
N LEU C 80 -21.39 -17.06 26.56
CA LEU C 80 -20.85 -15.74 26.24
C LEU C 80 -21.95 -14.70 26.14
N ALA C 81 -22.85 -14.88 25.17
CA ALA C 81 -23.96 -13.93 24.95
C ALA C 81 -24.51 -13.42 26.28
N ALA C 82 -24.73 -14.34 27.21
CA ALA C 82 -25.24 -13.99 28.53
C ALA C 82 -24.32 -12.98 29.21
N VAL C 83 -23.04 -13.34 29.34
CA VAL C 83 -22.06 -12.45 29.98
C VAL C 83 -22.05 -11.08 29.32
N VAL C 84 -22.20 -11.06 28.01
CA VAL C 84 -22.22 -9.81 27.26
C VAL C 84 -23.44 -8.96 27.60
N ALA C 85 -24.61 -9.56 27.48
CA ALA C 85 -25.87 -8.88 27.78
C ALA C 85 -25.80 -8.27 29.17
N GLU C 86 -25.08 -8.97 30.05
CA GLU C 86 -24.92 -8.57 31.43
C GLU C 86 -24.25 -7.21 31.57
N THR C 87 -23.06 -7.09 30.97
CA THR C 87 -22.31 -5.85 31.00
C THR C 87 -22.99 -4.82 30.13
N GLN C 88 -23.60 -5.28 29.04
CA GLN C 88 -24.31 -4.40 28.13
C GLN C 88 -25.43 -3.69 28.90
N LYS C 89 -25.99 -4.42 29.87
CA LYS C 89 -27.06 -3.95 30.74
C LYS C 89 -26.56 -2.76 31.59
N ASN C 90 -25.43 -2.97 32.27
CA ASN C 90 -24.80 -1.96 33.12
C ASN C 90 -24.34 -0.72 32.34
N GLY C 91 -24.43 -0.80 31.01
CA GLY C 91 -24.02 0.31 30.16
C GLY C 91 -22.57 0.32 29.71
N THR C 92 -21.81 -0.75 29.97
CA THR C 92 -20.40 -0.79 29.57
C THR C 92 -20.21 -1.35 28.15
N ILE C 93 -19.06 -1.05 27.53
CA ILE C 93 -18.77 -1.53 26.17
C ILE C 93 -18.01 -2.86 26.24
N SER C 94 -18.57 -3.89 25.61
CA SER C 94 -17.93 -5.20 25.64
C SER C 94 -16.87 -5.42 24.55
N VAL C 95 -15.68 -5.82 25.00
CA VAL C 95 -14.56 -6.09 24.11
C VAL C 95 -14.20 -7.57 24.17
N VAL C 96 -14.83 -8.37 23.31
CA VAL C 96 -14.55 -9.81 23.29
C VAL C 96 -13.22 -10.11 22.61
N LEU C 97 -12.45 -11.03 23.20
CA LEU C 97 -11.15 -11.44 22.66
C LEU C 97 -11.23 -12.92 22.28
N GLY C 98 -11.01 -13.23 21.01
CA GLY C 98 -11.06 -14.62 20.57
C GLY C 98 -9.68 -15.24 20.69
N GLY C 99 -9.55 -16.56 20.47
CA GLY C 99 -10.68 -17.39 20.16
C GLY C 99 -11.12 -17.19 18.73
N ASP C 100 -11.53 -18.26 18.06
CA ASP C 100 -11.96 -18.14 16.67
C ASP C 100 -13.15 -17.20 16.52
N HIS C 101 -13.56 -16.98 15.27
CA HIS C 101 -14.64 -16.05 15.01
C HIS C 101 -16.06 -16.58 15.20
N SER C 102 -16.22 -17.87 15.45
CA SER C 102 -17.56 -18.38 15.65
C SER C 102 -18.14 -17.91 16.99
N MET C 103 -17.33 -17.18 17.76
CA MET C 103 -17.77 -16.65 19.04
C MET C 103 -18.56 -15.37 18.80
N ALA C 104 -18.79 -15.07 17.53
CA ALA C 104 -19.55 -13.89 17.19
C ALA C 104 -21.00 -14.19 17.55
N ILE C 105 -21.43 -15.42 17.28
CA ILE C 105 -22.79 -15.85 17.58
C ILE C 105 -23.10 -15.44 19.01
N GLY C 106 -22.20 -15.77 19.91
CA GLY C 106 -22.41 -15.38 21.29
C GLY C 106 -22.37 -13.86 21.40
N SER C 107 -21.14 -13.31 21.44
CA SER C 107 -20.92 -11.87 21.56
C SER C 107 -22.01 -10.96 21.01
N ILE C 108 -22.43 -11.19 19.76
CA ILE C 108 -23.46 -10.36 19.15
C ILE C 108 -24.87 -10.56 19.73
N SER C 109 -25.29 -11.81 19.90
CA SER C 109 -26.61 -12.10 20.45
C SER C 109 -26.80 -11.44 21.81
N GLY C 110 -25.88 -11.69 22.73
CA GLY C 110 -25.97 -11.08 24.03
C GLY C 110 -26.12 -9.58 23.89
N HIS C 111 -25.22 -8.98 23.12
CA HIS C 111 -25.24 -7.54 22.88
C HIS C 111 -26.64 -7.12 22.40
N ALA C 112 -27.13 -7.79 21.36
CA ALA C 112 -28.44 -7.51 20.79
C ALA C 112 -29.51 -7.35 21.87
N ARG C 113 -29.48 -8.25 22.84
CA ARG C 113 -30.43 -8.22 23.94
C ARG C 113 -30.61 -6.80 24.47
N VAL C 114 -29.54 -6.21 24.99
CA VAL C 114 -29.63 -4.85 25.53
C VAL C 114 -29.88 -3.77 24.48
N HIS C 115 -29.45 -4.01 23.24
CA HIS C 115 -29.67 -3.05 22.16
C HIS C 115 -30.01 -3.82 20.89
N PRO C 116 -31.30 -4.11 20.66
CA PRO C 116 -31.67 -4.85 19.45
C PRO C 116 -31.73 -3.96 18.21
N ASP C 117 -31.38 -2.69 18.38
CA ASP C 117 -31.38 -1.75 17.26
C ASP C 117 -29.99 -1.60 16.65
N LEU C 118 -29.01 -2.24 17.31
CA LEU C 118 -27.60 -2.23 16.90
C LEU C 118 -27.35 -2.60 15.43
N CYS C 119 -26.25 -2.09 14.90
CA CYS C 119 -25.82 -2.39 13.53
C CYS C 119 -24.45 -3.03 13.70
N VAL C 120 -24.10 -3.92 12.77
CA VAL C 120 -22.84 -4.62 12.82
C VAL C 120 -21.93 -4.31 11.63
N ILE C 121 -20.66 -4.02 11.91
CA ILE C 121 -19.67 -3.78 10.87
C ILE C 121 -18.69 -4.97 10.95
N TRP C 122 -18.67 -5.78 9.89
CA TRP C 122 -17.84 -6.98 9.86
C TRP C 122 -16.56 -6.87 9.03
N VAL C 123 -15.46 -6.44 9.67
CA VAL C 123 -14.18 -6.32 8.97
C VAL C 123 -13.57 -7.71 8.98
N ASP C 124 -13.62 -8.38 7.84
CA ASP C 124 -13.12 -9.74 7.75
C ASP C 124 -12.74 -10.02 6.31
N ALA C 125 -11.87 -11.00 6.12
CA ALA C 125 -11.47 -11.39 4.77
C ALA C 125 -12.61 -12.22 4.21
N HIS C 126 -13.22 -13.00 5.11
CA HIS C 126 -14.33 -13.90 4.82
C HIS C 126 -15.66 -13.36 5.34
N THR C 127 -16.76 -13.86 4.77
CA THR C 127 -18.12 -13.45 5.16
C THR C 127 -18.70 -14.31 6.29
N ASP C 128 -18.25 -15.56 6.37
CA ASP C 128 -18.70 -16.50 7.41
C ASP C 128 -20.21 -16.61 7.46
N ILE C 129 -20.83 -16.39 6.32
CA ILE C 129 -22.30 -16.43 6.19
C ILE C 129 -22.85 -17.75 5.64
N ASN C 130 -22.04 -18.81 5.69
CA ASN C 130 -22.47 -20.12 5.23
C ASN C 130 -23.45 -20.68 6.26
N THR C 131 -24.35 -21.53 5.81
CA THR C 131 -25.31 -22.17 6.71
C THR C 131 -24.83 -23.61 6.77
N PRO C 132 -25.42 -24.42 7.66
CA PRO C 132 -24.97 -25.82 7.71
C PRO C 132 -25.23 -26.51 6.36
N LEU C 133 -25.94 -25.80 5.49
CA LEU C 133 -26.32 -26.33 4.17
C LEU C 133 -25.38 -25.92 3.03
N THR C 134 -24.40 -25.07 3.33
CA THR C 134 -23.46 -24.61 2.30
C THR C 134 -22.02 -25.03 2.57
N THR C 135 -21.57 -24.82 3.81
CA THR C 135 -20.21 -25.14 4.22
C THR C 135 -19.63 -26.38 3.57
N SER C 136 -18.31 -26.36 3.38
CA SER C 136 -17.59 -27.48 2.79
C SER C 136 -16.76 -28.04 3.93
N SER C 137 -16.95 -27.44 5.09
CA SER C 137 -16.25 -27.83 6.31
C SER C 137 -17.24 -27.61 7.45
N GLY C 138 -17.08 -28.35 8.53
CA GLY C 138 -18.00 -28.19 9.65
C GLY C 138 -17.67 -26.91 10.38
N ASN C 139 -16.50 -26.35 10.07
CA ASN C 139 -16.02 -25.12 10.69
C ASN C 139 -17.11 -24.09 10.89
N LEU C 140 -17.63 -24.02 12.10
CA LEU C 140 -18.68 -23.06 12.40
C LEU C 140 -18.13 -21.64 12.34
N HIS C 141 -16.84 -21.48 12.60
CA HIS C 141 -16.27 -20.13 12.56
C HIS C 141 -16.51 -19.50 11.20
N GLY C 142 -17.08 -20.28 10.29
CA GLY C 142 -17.36 -19.81 8.96
C GLY C 142 -18.85 -19.81 8.68
N GLN C 143 -19.63 -19.60 9.73
CA GLN C 143 -21.08 -19.59 9.62
C GLN C 143 -21.81 -18.59 10.55
N PRO C 144 -21.13 -18.07 11.58
CA PRO C 144 -21.74 -17.12 12.51
C PRO C 144 -22.88 -16.23 12.02
N VAL C 145 -22.69 -15.57 10.89
CA VAL C 145 -23.74 -14.69 10.40
C VAL C 145 -25.04 -15.43 10.08
N ALA C 146 -24.94 -16.72 9.81
CA ALA C 146 -26.12 -17.53 9.51
C ALA C 146 -27.05 -17.65 10.72
N PHE C 147 -26.47 -17.93 11.88
CA PHE C 147 -27.23 -18.07 13.11
C PHE C 147 -27.75 -16.76 13.64
N LEU C 148 -27.33 -15.65 13.04
CA LEU C 148 -27.75 -14.34 13.52
C LEU C 148 -28.69 -13.63 12.56
N LEU C 149 -28.61 -14.00 11.30
CA LEU C 149 -29.46 -13.39 10.30
C LEU C 149 -30.88 -13.92 10.39
N LYS C 150 -31.84 -12.99 10.39
CA LYS C 150 -33.24 -13.35 10.44
C LYS C 150 -33.67 -13.92 9.08
N GLU C 151 -33.28 -13.23 8.01
CA GLU C 151 -33.61 -13.65 6.67
C GLU C 151 -33.06 -15.03 6.36
N LEU C 152 -32.38 -15.63 7.33
CA LEU C 152 -31.83 -16.95 7.10
C LEU C 152 -32.29 -17.88 8.21
N LYS C 153 -33.28 -17.41 8.99
CA LYS C 153 -33.83 -18.19 10.09
C LYS C 153 -34.66 -19.37 9.56
N GLY C 154 -34.37 -20.56 10.08
CA GLY C 154 -35.08 -21.74 9.64
C GLY C 154 -34.65 -22.22 8.27
N LYS C 155 -33.88 -21.40 7.56
CA LYS C 155 -33.41 -21.75 6.24
C LYS C 155 -32.47 -22.97 6.26
N PHE C 156 -32.24 -23.51 7.46
CA PHE C 156 -31.38 -24.68 7.64
C PHE C 156 -31.80 -25.48 8.89
N PRO C 157 -31.54 -26.79 8.90
CA PRO C 157 -31.90 -27.64 10.05
C PRO C 157 -31.37 -27.14 11.37
N ASP C 158 -32.25 -27.02 12.37
CA ASP C 158 -31.86 -26.56 13.70
C ASP C 158 -30.57 -27.30 14.07
N VAL C 159 -29.66 -26.59 14.71
CA VAL C 159 -28.39 -27.19 15.06
C VAL C 159 -28.24 -27.49 16.54
N PRO C 160 -27.78 -28.70 16.87
CA PRO C 160 -27.57 -29.15 18.24
C PRO C 160 -26.74 -28.16 19.07
N GLY C 161 -27.36 -27.56 20.09
CA GLY C 161 -26.64 -26.63 20.95
C GLY C 161 -26.87 -25.16 20.67
N PHE C 162 -27.48 -24.84 19.53
CA PHE C 162 -27.72 -23.44 19.20
C PHE C 162 -29.17 -23.05 19.38
N SER C 163 -30.02 -24.04 19.63
CA SER C 163 -31.45 -23.81 19.84
C SER C 163 -31.74 -22.50 20.59
N TRP C 164 -30.85 -22.13 21.51
CA TRP C 164 -30.98 -20.93 22.32
C TRP C 164 -30.85 -19.58 21.59
N VAL C 165 -30.35 -19.61 20.36
CA VAL C 165 -30.15 -18.38 19.60
C VAL C 165 -31.38 -17.87 18.87
N THR C 166 -31.54 -16.54 18.91
CA THR C 166 -32.65 -15.86 18.26
C THR C 166 -32.12 -14.90 17.21
N PRO C 167 -32.35 -15.20 15.92
CA PRO C 167 -31.86 -14.31 14.86
C PRO C 167 -32.16 -12.84 15.21
N CYS C 168 -31.10 -12.12 15.58
CA CYS C 168 -31.22 -10.73 16.03
C CYS C 168 -31.05 -9.57 15.05
N ILE C 169 -30.50 -9.81 13.86
CA ILE C 169 -30.35 -8.72 12.91
C ILE C 169 -30.65 -9.11 11.47
N SER C 170 -31.05 -8.10 10.70
CA SER C 170 -31.41 -8.30 9.30
C SER C 170 -30.30 -7.83 8.36
N ALA C 171 -30.30 -8.40 7.15
CA ALA C 171 -29.32 -8.07 6.13
C ALA C 171 -29.23 -6.57 5.79
N LYS C 172 -29.95 -5.73 6.53
CA LYS C 172 -29.91 -4.31 6.24
C LYS C 172 -29.25 -3.55 7.38
N ASP C 173 -28.80 -4.28 8.39
CA ASP C 173 -28.15 -3.66 9.54
C ASP C 173 -26.70 -4.11 9.68
N ILE C 174 -26.22 -4.88 8.72
CA ILE C 174 -24.85 -5.39 8.70
C ILE C 174 -24.08 -4.89 7.50
N VAL C 175 -22.78 -4.68 7.67
CA VAL C 175 -21.93 -4.25 6.56
C VAL C 175 -20.55 -4.92 6.61
N TYR C 176 -20.17 -5.49 5.48
CA TYR C 176 -18.89 -6.18 5.37
C TYR C 176 -17.84 -5.27 4.80
N ILE C 177 -16.63 -5.40 5.34
CA ILE C 177 -15.49 -4.62 4.85
C ILE C 177 -14.27 -5.51 4.87
N GLY C 178 -13.71 -5.77 3.68
CA GLY C 178 -12.51 -6.57 3.59
C GLY C 178 -12.62 -7.91 2.91
N LEU C 179 -13.82 -8.24 2.44
CA LEU C 179 -14.07 -9.52 1.77
C LEU C 179 -13.17 -9.77 0.58
N ARG C 180 -12.61 -10.98 0.53
CA ARG C 180 -11.74 -11.32 -0.58
C ARG C 180 -11.60 -12.81 -0.85
N ASP C 181 -12.31 -13.63 -0.08
CA ASP C 181 -12.26 -15.09 -0.26
C ASP C 181 -13.62 -15.70 0.10
N VAL C 182 -14.58 -15.47 -0.79
CA VAL C 182 -15.95 -15.90 -0.63
C VAL C 182 -16.34 -17.18 -1.36
N ASP C 183 -16.98 -18.07 -0.61
CA ASP C 183 -17.45 -19.35 -1.13
C ASP C 183 -18.70 -19.14 -1.97
N PRO C 184 -18.84 -19.93 -3.05
CA PRO C 184 -19.99 -19.82 -3.95
C PRO C 184 -21.29 -19.58 -3.17
N GLY C 185 -21.63 -20.53 -2.30
CA GLY C 185 -22.83 -20.40 -1.50
C GLY C 185 -22.96 -19.03 -0.86
N GLU C 186 -21.95 -18.66 -0.09
CA GLU C 186 -21.95 -17.37 0.58
C GLU C 186 -22.24 -16.24 -0.39
N HIS C 187 -21.61 -16.27 -1.56
CA HIS C 187 -21.82 -15.20 -2.54
C HIS C 187 -23.28 -15.09 -2.96
N TYR C 188 -23.90 -16.26 -3.16
CA TYR C 188 -25.31 -16.38 -3.53
C TYR C 188 -26.12 -15.64 -2.48
N ILE C 189 -26.07 -16.16 -1.26
CA ILE C 189 -26.78 -15.62 -0.12
C ILE C 189 -26.63 -14.12 0.11
N ILE C 190 -25.40 -13.61 0.00
CA ILE C 190 -25.15 -12.18 0.21
C ILE C 190 -25.73 -11.30 -0.90
N LYS C 191 -25.80 -11.87 -2.10
CA LYS C 191 -26.36 -11.16 -3.24
C LYS C 191 -27.87 -11.21 -3.14
N THR C 192 -28.37 -12.42 -2.92
CA THR C 192 -29.80 -12.68 -2.77
C THR C 192 -30.38 -11.77 -1.69
N LEU C 193 -29.88 -11.93 -0.47
CA LEU C 193 -30.36 -11.14 0.68
C LEU C 193 -29.89 -9.69 0.62
N GLY C 194 -29.51 -9.24 -0.58
CA GLY C 194 -29.07 -7.87 -0.77
C GLY C 194 -28.36 -7.25 0.42
N ILE C 195 -27.20 -7.79 0.77
CA ILE C 195 -26.40 -7.29 1.88
C ILE C 195 -25.43 -6.23 1.38
N LYS C 196 -25.10 -5.28 2.25
CA LYS C 196 -24.18 -4.21 1.86
C LYS C 196 -22.74 -4.54 2.26
N TYR C 197 -21.86 -4.63 1.27
CA TYR C 197 -20.47 -4.94 1.53
C TYR C 197 -19.48 -4.04 0.81
N PHE C 198 -18.22 -4.27 1.13
CA PHE C 198 -17.12 -3.54 0.54
C PHE C 198 -16.01 -4.55 0.43
N SER C 199 -15.94 -5.22 -0.70
CA SER C 199 -14.91 -6.22 -0.92
C SER C 199 -13.65 -5.42 -1.20
N MET C 200 -12.51 -6.11 -1.12
CA MET C 200 -11.24 -5.46 -1.41
C MET C 200 -11.35 -4.62 -2.70
N THR C 201 -12.05 -5.15 -3.71
CA THR C 201 -12.17 -4.41 -4.94
C THR C 201 -12.85 -3.07 -4.70
N GLU C 202 -13.88 -3.03 -3.85
CA GLU C 202 -14.55 -1.75 -3.56
C GLU C 202 -13.63 -0.78 -2.84
N VAL C 203 -12.96 -1.31 -1.81
CA VAL C 203 -12.02 -0.49 -1.06
C VAL C 203 -11.03 0.00 -2.09
N ASP C 204 -10.49 -0.93 -2.86
CA ASP C 204 -9.53 -0.59 -3.89
C ASP C 204 -10.00 0.61 -4.67
N LYS C 205 -11.22 0.50 -5.18
CA LYS C 205 -11.84 1.56 -5.96
C LYS C 205 -12.14 2.85 -5.21
N LEU C 206 -13.00 2.78 -4.20
CA LEU C 206 -13.41 3.97 -3.45
C LEU C 206 -12.38 4.59 -2.52
N GLY C 207 -11.66 3.75 -1.77
CA GLY C 207 -10.68 4.25 -0.83
C GLY C 207 -11.24 4.15 0.58
N ILE C 208 -10.53 3.50 1.48
CA ILE C 208 -11.03 3.30 2.84
C ILE C 208 -11.75 4.55 3.34
N GLY C 209 -11.33 5.73 2.86
CA GLY C 209 -11.96 6.96 3.29
C GLY C 209 -13.46 6.98 3.03
N LYS C 210 -13.83 6.82 1.77
CA LYS C 210 -15.22 6.79 1.32
C LYS C 210 -15.95 5.58 1.90
N VAL C 211 -15.30 4.43 1.92
CA VAL C 211 -15.92 3.21 2.45
C VAL C 211 -16.63 3.49 3.78
N MET C 212 -15.89 3.99 4.76
CA MET C 212 -16.46 4.29 6.06
C MET C 212 -17.58 5.31 5.89
N GLU C 213 -17.22 6.43 5.28
CA GLU C 213 -18.12 7.54 4.97
C GLU C 213 -19.50 6.99 4.59
N GLU C 214 -19.52 6.05 3.66
CA GLU C 214 -20.76 5.44 3.22
C GLU C 214 -21.31 4.46 4.24
N THR C 215 -20.55 3.42 4.58
CA THR C 215 -21.02 2.44 5.56
C THR C 215 -21.69 3.14 6.73
N PHE C 216 -21.21 4.33 7.08
CA PHE C 216 -21.84 5.06 8.17
C PHE C 216 -23.22 5.52 7.72
N SER C 217 -23.29 6.54 6.86
CA SER C 217 -24.60 7.01 6.42
C SER C 217 -25.53 5.82 6.12
N TYR C 218 -25.02 4.78 5.46
CA TYR C 218 -25.85 3.62 5.16
C TYR C 218 -26.45 2.94 6.40
N LEU C 219 -25.72 2.99 7.52
CA LEU C 219 -26.19 2.36 8.76
C LEU C 219 -26.68 3.35 9.81
N LEU C 220 -26.30 4.62 9.65
CA LEU C 220 -26.66 5.66 10.59
C LEU C 220 -27.14 6.90 9.86
N GLY C 221 -27.81 6.69 8.72
CA GLY C 221 -28.32 7.83 7.96
C GLY C 221 -29.52 8.40 8.67
N ARG C 222 -30.51 7.54 8.92
CA ARG C 222 -31.74 7.92 9.60
C ARG C 222 -31.50 8.02 11.11
N LYS C 223 -31.75 6.92 11.80
CA LYS C 223 -31.59 6.83 13.25
C LYS C 223 -30.20 6.32 13.67
N LYS C 224 -29.52 7.11 14.49
CA LYS C 224 -28.20 6.74 15.00
C LYS C 224 -28.32 5.62 16.03
N ARG C 225 -27.85 4.42 15.68
CA ARG C 225 -27.91 3.30 16.62
C ARG C 225 -26.54 2.95 17.24
N PRO C 226 -26.47 1.82 17.97
CA PRO C 226 -25.19 1.44 18.58
C PRO C 226 -24.45 0.59 17.56
N ILE C 227 -23.12 0.57 17.65
CA ILE C 227 -22.32 -0.20 16.69
C ILE C 227 -21.59 -1.37 17.31
N HIS C 228 -21.64 -2.49 16.61
CA HIS C 228 -20.93 -3.68 17.05
C HIS C 228 -19.87 -3.95 15.98
N LEU C 229 -18.61 -3.80 16.36
CA LEU C 229 -17.52 -4.03 15.42
C LEU C 229 -16.91 -5.41 15.60
N SER C 230 -17.14 -6.28 14.62
CA SER C 230 -16.59 -7.63 14.67
C SER C 230 -15.36 -7.57 13.73
N PHE C 231 -14.17 -7.53 14.33
CA PHE C 231 -12.95 -7.42 13.54
C PHE C 231 -12.21 -8.71 13.44
N ASP C 232 -12.11 -9.25 12.23
CA ASP C 232 -11.38 -10.51 12.06
C ASP C 232 -9.96 -10.16 11.64
N VAL C 233 -9.00 -10.45 12.50
CA VAL C 233 -7.60 -10.15 12.21
C VAL C 233 -7.09 -10.71 10.87
N ASP C 234 -7.78 -11.67 10.28
CA ASP C 234 -7.31 -12.16 9.00
C ASP C 234 -7.66 -11.09 7.96
N GLY C 235 -8.56 -10.19 8.33
CA GLY C 235 -9.00 -9.12 7.46
C GLY C 235 -7.95 -8.11 6.99
N LEU C 236 -6.88 -7.91 7.74
CA LEU C 236 -5.82 -7.05 7.25
C LEU C 236 -5.05 -8.00 6.36
N ASP C 237 -4.11 -7.50 5.56
CA ASP C 237 -3.34 -8.42 4.72
C ASP C 237 -2.39 -9.31 5.57
N PRO C 238 -2.07 -10.52 5.07
CA PRO C 238 -1.19 -11.45 5.78
C PRO C 238 0.19 -10.91 6.18
N VAL C 239 0.69 -9.89 5.50
CA VAL C 239 1.96 -9.28 5.87
C VAL C 239 1.80 -8.68 7.30
N PHE C 240 0.72 -7.94 7.52
CA PHE C 240 0.45 -7.29 8.80
C PHE C 240 -0.10 -8.10 9.97
N THR C 241 -0.89 -9.13 9.70
CA THR C 241 -1.43 -9.98 10.76
C THR C 241 -1.34 -11.40 10.27
N PRO C 242 -0.12 -11.89 10.07
CA PRO C 242 0.23 -13.23 9.59
C PRO C 242 -0.20 -14.40 10.44
N ALA C 243 -0.21 -14.24 11.76
CA ALA C 243 -0.59 -15.34 12.65
C ALA C 243 -2.07 -15.60 12.70
N THR C 244 -2.64 -16.22 11.67
CA THR C 244 -4.07 -16.51 11.68
C THR C 244 -4.40 -17.85 11.07
N GLY C 245 -5.68 -18.19 11.13
CA GLY C 245 -6.17 -19.44 10.60
C GLY C 245 -6.08 -19.42 9.09
N THR C 246 -6.62 -18.38 8.48
CA THR C 246 -6.58 -18.31 7.03
C THR C 246 -5.96 -17.10 6.39
N PRO C 247 -4.63 -17.10 6.23
CA PRO C 247 -4.13 -15.88 5.58
C PRO C 247 -4.77 -15.84 4.20
N VAL C 248 -5.03 -14.65 3.70
CA VAL C 248 -5.65 -14.47 2.38
C VAL C 248 -5.09 -13.16 1.82
N VAL C 249 -4.19 -13.28 0.85
CA VAL C 249 -3.52 -12.11 0.29
C VAL C 249 -4.28 -10.95 -0.36
N GLY C 250 -3.69 -9.76 -0.29
CA GLY C 250 -4.29 -8.60 -0.92
C GLY C 250 -5.43 -8.01 -0.12
N GLY C 251 -5.26 -8.02 1.20
CA GLY C 251 -6.28 -7.49 2.11
C GLY C 251 -6.00 -6.10 2.65
N LEU C 252 -6.90 -5.67 3.53
CA LEU C 252 -6.83 -4.37 4.19
C LEU C 252 -5.41 -4.17 4.72
N SER C 253 -4.92 -2.94 4.70
CA SER C 253 -3.57 -2.67 5.20
C SER C 253 -3.59 -2.17 6.66
N TYR C 254 -2.48 -2.34 7.37
CA TYR C 254 -2.39 -1.87 8.77
C TYR C 254 -2.92 -0.46 8.93
N ARG C 255 -2.67 0.40 7.92
CA ARG C 255 -3.18 1.78 7.95
C ARG C 255 -4.71 1.83 7.81
N GLU C 256 -5.21 1.26 6.72
CA GLU C 256 -6.65 1.23 6.52
C GLU C 256 -7.27 0.55 7.74
N GLY C 257 -6.53 -0.37 8.34
CA GLY C 257 -7.06 -1.07 9.49
C GLY C 257 -7.29 -0.08 10.60
N LEU C 258 -6.33 0.81 10.77
CA LEU C 258 -6.45 1.80 11.81
C LEU C 258 -7.33 2.94 11.32
N TYR C 259 -7.50 3.08 10.01
CA TYR C 259 -8.37 4.16 9.58
C TYR C 259 -9.80 3.77 9.92
N ILE C 260 -10.07 2.48 9.92
CA ILE C 260 -11.43 2.06 10.23
C ILE C 260 -11.66 2.16 11.71
N THR C 261 -10.93 1.41 12.52
CA THR C 261 -11.15 1.50 13.96
C THR C 261 -11.25 2.97 14.40
N GLU C 262 -10.48 3.83 13.73
CA GLU C 262 -10.43 5.27 14.00
C GLU C 262 -11.72 6.06 13.72
N GLU C 263 -12.28 5.92 12.52
CA GLU C 263 -13.53 6.61 12.21
C GLU C 263 -14.69 6.06 13.04
N ILE C 264 -14.61 4.80 13.45
CA ILE C 264 -15.68 4.23 14.25
C ILE C 264 -15.67 4.87 15.64
N TYR C 265 -14.46 5.09 16.16
CA TYR C 265 -14.32 5.71 17.48
C TYR C 265 -14.89 7.12 17.44
N LYS C 266 -14.60 7.82 16.36
CA LYS C 266 -15.08 9.20 16.20
C LYS C 266 -16.62 9.33 16.14
N THR C 267 -17.33 8.25 15.82
CA THR C 267 -18.79 8.34 15.76
C THR C 267 -19.38 8.28 17.18
N GLY C 268 -18.54 7.90 18.15
CA GLY C 268 -18.97 7.82 19.53
C GLY C 268 -20.08 6.79 19.76
N LEU C 269 -20.30 5.92 18.78
CA LEU C 269 -21.35 4.92 18.93
C LEU C 269 -20.87 3.48 19.16
N LEU C 270 -19.64 3.32 19.63
CA LEU C 270 -19.14 1.97 19.85
C LEU C 270 -19.77 1.37 21.10
N SER C 271 -20.22 0.12 20.99
CA SER C 271 -20.87 -0.55 22.10
C SER C 271 -20.30 -1.95 22.35
N GLY C 272 -19.82 -2.58 21.28
CA GLY C 272 -19.26 -3.91 21.39
C GLY C 272 -18.17 -4.12 20.35
N LEU C 273 -17.09 -4.78 20.76
CA LEU C 273 -15.98 -5.00 19.84
C LEU C 273 -15.56 -6.46 19.87
N ASP C 274 -15.06 -6.94 18.73
CA ASP C 274 -14.58 -8.31 18.61
C ASP C 274 -13.18 -8.33 17.97
N ILE C 275 -12.20 -8.81 18.74
CA ILE C 275 -10.82 -8.94 18.27
C ILE C 275 -10.62 -10.45 18.20
N MET C 276 -11.06 -11.01 17.08
CA MET C 276 -11.01 -12.45 16.87
C MET C 276 -9.92 -12.97 15.97
N GLU C 277 -9.77 -14.30 15.99
CA GLU C 277 -8.86 -15.10 15.18
C GLU C 277 -7.35 -15.07 15.38
N VAL C 278 -6.85 -14.27 16.34
CA VAL C 278 -5.40 -14.23 16.58
C VAL C 278 -4.89 -15.58 17.09
N ASN C 279 -4.05 -16.28 16.32
CA ASN C 279 -3.54 -17.59 16.72
C ASN C 279 -2.04 -17.60 17.01
N PRO C 280 -1.64 -17.16 18.21
CA PRO C 280 -0.26 -17.07 18.69
C PRO C 280 0.62 -18.26 18.42
N THR C 281 0.08 -19.29 17.78
CA THR C 281 0.88 -20.46 17.51
C THR C 281 1.22 -20.59 16.04
N LEU C 282 0.49 -19.84 15.22
CA LEU C 282 0.68 -19.91 13.78
C LEU C 282 1.64 -18.91 13.17
N GLY C 283 2.66 -18.50 13.92
CA GLY C 283 3.62 -17.57 13.36
C GLY C 283 4.87 -18.25 12.82
N LYS C 284 5.18 -18.06 11.54
CA LYS C 284 6.37 -18.64 10.91
C LYS C 284 7.66 -18.28 11.64
N THR C 285 7.58 -17.27 12.49
CA THR C 285 8.71 -16.81 13.29
C THR C 285 8.08 -16.02 14.42
N PRO C 286 8.77 -15.92 15.57
CA PRO C 286 8.25 -15.16 16.69
C PRO C 286 7.71 -13.81 16.25
N GLU C 287 8.58 -13.04 15.61
CA GLU C 287 8.24 -11.71 15.10
C GLU C 287 6.83 -11.67 14.51
N GLU C 288 6.52 -12.62 13.64
CA GLU C 288 5.21 -12.68 13.01
C GLU C 288 4.11 -12.73 14.07
N VAL C 289 4.17 -13.66 15.00
CA VAL C 289 3.14 -13.69 16.03
C VAL C 289 3.07 -12.31 16.69
N THR C 290 4.24 -11.74 16.99
CA THR C 290 4.32 -10.44 17.65
C THR C 290 3.72 -9.30 16.83
N ARG C 291 3.96 -9.31 15.52
CA ARG C 291 3.40 -8.29 14.63
C ARG C 291 1.90 -8.40 14.85
N THR C 292 1.36 -9.58 14.56
CA THR C 292 -0.05 -9.86 14.69
C THR C 292 -0.62 -9.29 15.96
N VAL C 293 -0.24 -9.88 17.08
CA VAL C 293 -0.71 -9.43 18.39
C VAL C 293 -0.72 -7.90 18.53
N ASN C 294 0.41 -7.27 18.22
CA ASN C 294 0.51 -5.83 18.33
C ASN C 294 -0.48 -5.05 17.46
N THR C 295 -0.51 -5.34 16.16
CA THR C 295 -1.42 -4.62 15.29
C THR C 295 -2.84 -4.89 15.77
N ALA C 296 -3.02 -6.03 16.43
CA ALA C 296 -4.33 -6.39 16.98
C ALA C 296 -4.61 -5.46 18.16
N VAL C 297 -3.66 -5.40 19.08
CA VAL C 297 -3.80 -4.53 20.23
C VAL C 297 -4.04 -3.09 19.78
N ALA C 298 -3.16 -2.59 18.91
CA ALA C 298 -3.29 -1.22 18.43
C ALA C 298 -4.63 -0.92 17.77
N LEU C 299 -5.24 -1.96 17.18
CA LEU C 299 -6.53 -1.79 16.54
C LEU C 299 -7.55 -1.50 17.61
N THR C 300 -7.46 -2.23 18.72
CA THR C 300 -8.37 -2.05 19.84
C THR C 300 -8.27 -0.64 20.41
N LEU C 301 -7.11 -0.32 20.99
CA LEU C 301 -6.88 1.00 21.56
C LEU C 301 -7.34 2.08 20.60
N SER C 302 -7.32 1.75 19.31
CA SER C 302 -7.75 2.68 18.29
C SER C 302 -9.24 2.90 18.54
N CYS C 303 -9.99 1.81 18.52
CA CYS C 303 -11.43 1.84 18.76
C CYS C 303 -11.77 2.70 19.98
N PHE C 304 -10.89 2.70 20.97
CA PHE C 304 -11.12 3.46 22.19
C PHE C 304 -10.33 4.75 22.38
N GLY C 305 -10.16 5.55 21.33
CA GLY C 305 -9.47 6.80 21.52
C GLY C 305 -8.22 7.14 20.74
N THR C 306 -7.11 6.48 21.06
CA THR C 306 -5.82 6.73 20.41
C THR C 306 -5.88 7.09 18.92
N LYS C 307 -5.48 8.32 18.60
CA LYS C 307 -5.46 8.80 17.21
C LYS C 307 -4.01 8.83 16.78
N ARG C 308 -3.76 8.56 15.51
CA ARG C 308 -2.39 8.60 15.02
C ARG C 308 -1.82 10.00 15.01
N GLU C 309 -2.69 10.98 15.24
CA GLU C 309 -2.23 12.36 15.25
C GLU C 309 -1.70 12.68 16.64
N GLY C 310 -2.22 11.96 17.63
CA GLY C 310 -1.80 12.19 19.01
C GLY C 310 -2.95 12.46 19.97
N ASN C 311 -2.67 12.34 21.26
CA ASN C 311 -3.67 12.55 22.30
C ASN C 311 -3.09 13.32 23.47
N HIS C 312 -3.79 14.38 23.89
CA HIS C 312 -3.38 15.19 25.04
C HIS C 312 -4.54 15.27 26.03
N LYS C 313 -4.26 14.94 27.29
CA LYS C 313 -5.28 14.98 28.32
C LYS C 313 -5.77 16.39 28.52
N PRO C 314 -7.09 16.62 28.32
CA PRO C 314 -7.74 17.92 28.46
C PRO C 314 -7.49 18.64 29.79
N GLU C 315 -7.75 19.94 29.77
CA GLU C 315 -7.61 20.80 30.94
C GLU C 315 -6.17 21.10 31.33
N THR C 316 -5.27 20.13 31.16
CA THR C 316 -3.86 20.33 31.51
C THR C 316 -3.11 21.18 30.50
N ASP C 317 -2.29 22.09 31.02
CA ASP C 317 -1.47 22.98 30.21
C ASP C 317 -0.06 22.40 30.17
N TYR C 318 0.26 21.72 29.07
CA TYR C 318 1.57 21.10 28.91
C TYR C 318 2.67 22.15 28.75
N LEU C 319 2.27 23.38 28.45
CA LEU C 319 3.21 24.49 28.31
C LEU C 319 3.67 25.03 29.67
MN MN D . 12.48 14.14 12.98
MN MN E . 11.05 11.01 13.21
N NNH F . 9.46 13.11 20.56
CA NNH F . 10.43 12.08 20.93
C NNH F . 11.73 12.68 21.46
O NNH F . 12.00 13.85 21.57
CB NNH F . 10.66 11.18 19.68
CG NNH F . 11.18 11.83 18.36
ND NNH F . 11.95 10.80 17.60
CE NNH F . 12.54 10.89 16.36
NH1 NNH F . 12.44 12.10 15.60
NH2 NNH F . 13.22 9.88 15.79
OH1 NNH F . 13.00 12.20 14.43
OXT NNH F . 12.59 11.70 21.81
MN MN G . 7.01 -4.63 -21.33
MN MN H . 8.41 -3.84 -18.28
N NNH I . 13.36 0.46 -22.53
CA NNH I . 14.36 -0.50 -22.10
C NNH I . 14.80 -1.42 -23.23
O NNH I . 14.39 -1.40 -24.38
CB NNH I . 13.78 -1.30 -20.90
CG NNH I . 12.44 -2.09 -21.09
ND NNH I . 12.44 -3.24 -20.16
CE NNH I . 11.47 -4.19 -19.91
NH1 NNH I . 10.22 -4.12 -20.62
NH2 NNH I . 11.61 -5.20 -19.04
OH1 NNH I . 9.28 -5.00 -20.42
OXT NNH I . 15.75 -2.28 -22.82
MN MN J . -14.41 -14.45 10.35
MN MN K . -11.83 -14.60 8.08
N NNH L . -16.25 -19.97 4.54
CA NNH L . -15.21 -20.91 4.94
C NNH L . -15.66 -21.85 6.06
O NNH L . -16.75 -21.85 6.61
CB NNH L . -13.96 -20.08 5.34
CG NNH L . -14.07 -19.03 6.48
ND NNH L . -12.74 -18.90 7.13
CE NNH L . -12.34 -18.05 8.15
NH1 NNH L . -13.27 -17.12 8.72
NH2 NNH L . -11.10 -18.04 8.66
OH1 NNH L . -12.92 -16.31 9.68
OXT NNH L . -14.69 -22.71 6.38
#